data_7WRS
#
_entry.id   7WRS
#
_cell.length_a   143.020
_cell.length_b   155.550
_cell.length_c   44.220
_cell.angle_alpha   90.000
_cell.angle_beta   90.000
_cell.angle_gamma   90.000
#
_symmetry.space_group_name_H-M   'P 21 21 2'
#
loop_
_entity.id
_entity.type
_entity.pdbx_description
1 polymer 'Glutamyl-tRNA synthetase'
2 polymer 'Isoleucyl-tRNA synthetase'
3 water water
#
loop_
_entity_poly.entity_id
_entity_poly.type
_entity_poly.pdbx_seq_one_letter_code
_entity_poly.pdbx_strand_id
1 'polypeptide(L)'
;MATEKKADVGKFVELPGAEMGKVIVRFPPEASGYLHIGHAKAALLNQHYQVNFKGKLIMRFDDTNPEKEKEDFEKVILED
VAMLHIKPDQFTYTSDHFETIMKYAEQLIQEGKAYVDDTPAEQMKAEREQRMESKHRNNCVNKNLQMWEEMKKGTEYGQT
CCLRAKIDMNSNNGCMRDPTLYRCKNQPHPRTGTTYKVYPTYDFACPIVDSIEGVTHALRTTEYHDRDEQFYWIIEALGI
RKPYIWEYSRLNLNNTVLSKRKLMWFVNEGLVDGWDDPRFPTVRGVLRRGMTVEGLKQFIAAQGSSRSVVNMEWDKIWSF
NKKVIDPVAPRYTALLKDAVVPVNVPEAQEEMKEVAKHPKNADVGLKPVWYGSKVLIEGADAETLTEGEVVTFINWGNII
ITKLNRNSSGKIVSIDTKLNLDNKDFKKTTKITWLAETPRAPLIPTVCVNYEHLITKPVLGKDEDFKQYINRNSKQEELM
LGDPCLKDLKKGDIIQLQRRGFFICDQPYEPVSPYSCKEAPCILIYIPDGH
;
A
2 'polypeptide(L)'
;HSDAQVLVLLDVTPDQSMVDEGVAREVINRIQKLRKKRNLVPTDEITVYYRSHPEGDYLDTVIKEHTDFIFATIKAALKP
YPVPTSKEVLIQETTQLKGSELEITLVRGGLCERVGPACSYVNLKVCVNGTEQDGVLLLENPKGDNTLNLTGLVDAVSCI
FGLKNSKLTVFNGKTELINKTDLLSLSGKTLHVTTGSAPALINSPDALLCQYINLQLVNAKPQECQKGTVGTLLMENPVG
QNGLTYHGLLHETAKVFGLRSRRLKLFLDEAETQEITKDISMKNLNMKTVYVSVIPTTAEC
;
B
#
# COMPACT_ATOMS: atom_id res chain seq x y z
N GLU A 14 24.84 -28.52 0.48
CA GLU A 14 24.42 -29.72 -0.26
C GLU A 14 23.55 -30.62 0.63
N LEU A 15 23.08 -31.72 0.04
CA LEU A 15 22.03 -32.54 0.65
C LEU A 15 22.48 -33.99 0.77
N PRO A 16 22.54 -34.57 1.97
CA PRO A 16 22.81 -36.00 2.08
C PRO A 16 21.63 -36.82 1.59
N GLY A 17 21.93 -38.01 1.06
CA GLY A 17 20.93 -38.86 0.46
C GLY A 17 20.31 -38.34 -0.83
N ALA A 18 20.89 -37.32 -1.44
CA ALA A 18 20.27 -36.66 -2.60
C ALA A 18 20.79 -37.25 -3.90
N GLU A 19 19.86 -37.61 -4.79
CA GLU A 19 20.18 -38.09 -6.13
C GLU A 19 19.63 -37.12 -7.16
N MET A 20 20.29 -37.05 -8.31
CA MET A 20 19.75 -36.21 -9.38
C MET A 20 18.38 -36.74 -9.79
N GLY A 21 17.47 -35.82 -10.11
CA GLY A 21 16.13 -36.16 -10.54
C GLY A 21 15.22 -36.76 -9.49
N LYS A 22 15.74 -37.17 -8.34
CA LYS A 22 14.94 -37.85 -7.34
C LYS A 22 14.79 -37.07 -6.03
N VAL A 23 15.16 -35.80 -6.02
CA VAL A 23 14.95 -34.97 -4.83
C VAL A 23 13.53 -34.43 -4.87
N ILE A 24 12.85 -34.47 -3.72
CA ILE A 24 11.51 -33.91 -3.62
C ILE A 24 11.47 -33.06 -2.37
N VAL A 25 11.30 -31.75 -2.55
CA VAL A 25 11.23 -30.79 -1.46
C VAL A 25 9.85 -30.14 -1.46
N ARG A 26 9.49 -29.55 -0.33
CA ARG A 26 8.22 -28.85 -0.19
C ARG A 26 8.44 -27.54 0.55
N PHE A 27 7.66 -26.52 0.16
CA PHE A 27 7.57 -25.28 0.91
C PHE A 27 6.15 -25.19 1.47
N PRO A 28 5.96 -25.30 2.79
CA PRO A 28 4.62 -25.45 3.34
C PRO A 28 4.21 -24.27 4.20
N PRO A 29 3.91 -23.11 3.60
CA PRO A 29 3.47 -21.96 4.40
C PRO A 29 2.08 -22.18 4.99
N GLU A 30 1.56 -21.23 5.76
CA GLU A 30 0.34 -21.46 6.51
C GLU A 30 -0.85 -20.61 6.09
N ALA A 31 -0.67 -19.58 5.25
CA ALA A 31 -1.77 -18.70 4.84
C ALA A 31 -2.45 -18.07 6.04
N SER A 32 -1.66 -17.79 7.07
CA SER A 32 -2.03 -16.92 8.17
C SER A 32 -1.57 -15.49 7.94
N GLY A 33 -0.92 -15.21 6.82
CA GLY A 33 -0.55 -13.84 6.53
C GLY A 33 0.41 -13.73 5.37
N TYR A 34 1.22 -12.68 5.41
CA TYR A 34 2.14 -12.36 4.33
C TYR A 34 3.47 -13.08 4.50
N LEU A 35 4.05 -13.48 3.38
CA LEU A 35 5.40 -14.02 3.43
C LEU A 35 6.37 -12.92 3.80
N HIS A 36 7.31 -13.23 4.66
CA HIS A 36 8.37 -12.28 4.93
C HIS A 36 9.69 -12.89 4.45
N ILE A 37 10.77 -12.14 4.68
CA ILE A 37 12.08 -12.50 4.16
C ILE A 37 12.53 -13.84 4.73
N GLY A 38 12.07 -14.19 5.94
CA GLY A 38 12.35 -15.52 6.47
C GLY A 38 11.71 -16.62 5.65
N HIS A 39 10.42 -16.48 5.34
CA HIS A 39 9.78 -17.40 4.41
C HIS A 39 10.46 -17.36 3.05
N ALA A 40 10.91 -16.17 2.62
CA ALA A 40 11.61 -16.07 1.36
C ALA A 40 12.83 -16.97 1.35
N LYS A 41 13.60 -16.98 2.44
CA LYS A 41 14.81 -17.81 2.50
C LYS A 41 14.47 -19.28 2.35
N ALA A 42 13.45 -19.75 3.08
CA ALA A 42 13.06 -21.15 3.02
C ALA A 42 12.59 -21.52 1.61
N ALA A 43 11.81 -20.65 0.99
CA ALA A 43 11.32 -20.95 -0.34
C ALA A 43 12.47 -20.95 -1.35
N LEU A 44 13.44 -20.07 -1.18
CA LEU A 44 14.52 -20.02 -2.16
C LEU A 44 15.51 -21.14 -1.92
N LEU A 45 15.74 -21.51 -0.66
CA LEU A 45 16.58 -22.66 -0.38
C LEU A 45 15.95 -23.93 -0.94
N ASN A 46 14.63 -24.09 -0.75
CA ASN A 46 13.94 -25.22 -1.34
C ASN A 46 14.06 -25.21 -2.87
N GLN A 47 13.81 -24.06 -3.49
CA GLN A 47 13.93 -23.97 -4.95
C GLN A 47 15.35 -24.27 -5.40
N HIS A 48 16.33 -23.86 -4.59
CA HIS A 48 17.71 -24.10 -4.95
C HIS A 48 17.99 -25.59 -5.09
N TYR A 49 17.50 -26.38 -4.11
CA TYR A 49 17.69 -27.82 -4.16
C TYR A 49 16.84 -28.44 -5.26
N GLN A 50 15.71 -27.83 -5.59
CA GLN A 50 14.90 -28.38 -6.67
C GLN A 50 15.56 -28.18 -8.02
N VAL A 51 16.13 -26.99 -8.25
CA VAL A 51 16.73 -26.68 -9.54
C VAL A 51 18.03 -27.46 -9.72
N ASN A 52 18.88 -27.45 -8.70
CA ASN A 52 20.19 -28.07 -8.80
C ASN A 52 20.15 -29.59 -8.76
N PHE A 53 19.02 -30.20 -8.45
CA PHE A 53 18.90 -31.65 -8.50
C PHE A 53 17.84 -32.09 -9.49
N LYS A 54 17.32 -31.17 -10.31
CA LYS A 54 16.23 -31.46 -11.26
C LYS A 54 15.13 -32.29 -10.58
N GLY A 55 14.74 -31.86 -9.38
CA GLY A 55 13.72 -32.53 -8.60
C GLY A 55 12.39 -31.81 -8.65
N LYS A 56 11.54 -32.11 -7.67
CA LYS A 56 10.20 -31.55 -7.60
C LYS A 56 10.06 -30.72 -6.33
N LEU A 57 9.34 -29.62 -6.44
CA LEU A 57 9.05 -28.74 -5.31
C LEU A 57 7.55 -28.73 -5.11
N ILE A 58 7.10 -29.17 -3.93
CA ILE A 58 5.68 -29.09 -3.60
C ILE A 58 5.41 -27.77 -2.86
N MET A 59 4.40 -27.05 -3.30
CA MET A 59 3.90 -25.89 -2.58
C MET A 59 2.63 -26.35 -1.88
N ARG A 60 2.73 -26.52 -0.56
CA ARG A 60 1.67 -27.14 0.22
C ARG A 60 1.08 -26.12 1.17
N PHE A 61 -0.20 -25.81 1.02
CA PHE A 61 -0.83 -24.95 2.01
C PHE A 61 -1.13 -25.79 3.25
N ASP A 62 -0.64 -25.32 4.40
CA ASP A 62 -0.85 -26.05 5.66
C ASP A 62 -2.16 -25.54 6.22
N ASP A 63 -3.25 -26.24 5.88
CA ASP A 63 -4.57 -25.87 6.34
C ASP A 63 -5.08 -26.88 7.35
N THR A 64 -4.24 -27.28 8.31
CA THR A 64 -4.74 -28.18 9.35
C THR A 64 -5.76 -27.49 10.22
N ASN A 65 -5.67 -26.17 10.34
CA ASN A 65 -6.47 -25.38 11.27
C ASN A 65 -7.54 -24.64 10.50
N PRO A 66 -8.84 -24.91 10.73
CA PRO A 66 -9.89 -24.20 10.00
C PRO A 66 -10.19 -22.82 10.59
N GLU A 67 -9.22 -22.23 11.28
CA GLU A 67 -9.46 -21.04 12.09
C GLU A 67 -8.28 -20.08 12.05
N LYS A 68 -7.11 -20.57 11.60
CA LYS A 68 -5.91 -19.75 11.47
C LYS A 68 -5.64 -19.32 10.03
N GLU A 69 -6.17 -20.05 9.06
CA GLU A 69 -6.04 -19.77 7.64
C GLU A 69 -7.25 -18.98 7.14
N LYS A 70 -7.10 -18.34 5.99
CA LYS A 70 -8.26 -17.96 5.20
C LYS A 70 -7.87 -17.88 3.72
N GLU A 71 -8.90 -18.04 2.87
CA GLU A 71 -8.77 -17.92 1.42
C GLU A 71 -8.12 -16.60 1.04
N ASP A 72 -8.14 -15.64 1.96
CA ASP A 72 -7.60 -14.31 1.75
C ASP A 72 -6.07 -14.33 1.68
N PHE A 73 -5.40 -14.98 2.64
CA PHE A 73 -3.95 -15.05 2.62
C PHE A 73 -3.41 -16.08 1.65
N GLU A 74 -4.22 -17.09 1.32
CA GLU A 74 -3.83 -18.06 0.31
C GLU A 74 -3.43 -17.38 -1.00
N LYS A 75 -4.24 -16.40 -1.44
CA LYS A 75 -3.97 -15.74 -2.72
C LYS A 75 -2.75 -14.84 -2.62
N VAL A 76 -2.67 -14.05 -1.55
CA VAL A 76 -1.49 -13.32 -1.15
C VAL A 76 -0.25 -14.19 -1.25
N ILE A 77 -0.31 -15.39 -0.66
CA ILE A 77 0.88 -16.21 -0.59
C ILE A 77 1.28 -16.71 -1.97
N LEU A 78 0.30 -17.01 -2.83
CA LEU A 78 0.65 -17.45 -4.18
C LEU A 78 1.25 -16.31 -4.99
N GLU A 79 0.80 -15.07 -4.75
CA GLU A 79 1.45 -13.94 -5.42
C GLU A 79 2.90 -13.76 -4.94
N ASP A 80 3.14 -13.83 -3.63
CA ASP A 80 4.50 -13.67 -3.12
C ASP A 80 5.42 -14.70 -3.74
N VAL A 81 4.98 -15.96 -3.77
CA VAL A 81 5.78 -17.04 -4.35
C VAL A 81 6.05 -16.76 -5.82
N ALA A 82 5.04 -16.29 -6.55
CA ALA A 82 5.23 -15.87 -7.93
C ALA A 82 6.25 -14.74 -8.05
N MET A 83 6.16 -13.73 -7.16
CA MET A 83 7.11 -12.63 -7.17
C MET A 83 8.53 -13.08 -6.90
N LEU A 84 8.72 -14.20 -6.22
CA LEU A 84 10.05 -14.76 -6.04
C LEU A 84 10.47 -15.63 -7.20
N HIS A 85 9.66 -15.68 -8.26
CA HIS A 85 9.96 -16.48 -9.45
C HIS A 85 10.15 -17.94 -9.08
N ILE A 86 9.32 -18.43 -8.17
CA ILE A 86 9.35 -19.82 -7.74
C ILE A 86 8.20 -20.53 -8.43
N LYS A 87 8.51 -21.59 -9.18
CA LYS A 87 7.47 -22.31 -9.91
C LYS A 87 7.35 -23.71 -9.31
N PRO A 88 6.47 -23.91 -8.35
CA PRO A 88 6.28 -25.25 -7.77
C PRO A 88 5.75 -26.22 -8.83
N ASP A 89 6.24 -27.46 -8.76
CA ASP A 89 5.74 -28.50 -9.65
C ASP A 89 4.35 -28.98 -9.24
N GLN A 90 4.03 -28.93 -7.96
CA GLN A 90 2.74 -29.40 -7.46
C GLN A 90 2.25 -28.49 -6.36
N PHE A 91 0.94 -28.28 -6.31
CA PHE A 91 0.28 -27.52 -5.26
C PHE A 91 -0.64 -28.44 -4.50
N THR A 92 -0.38 -28.62 -3.21
CA THR A 92 -1.26 -29.45 -2.39
C THR A 92 -1.68 -28.69 -1.14
N TYR A 93 -2.67 -29.26 -0.49
CA TYR A 93 -3.14 -28.81 0.81
C TYR A 93 -2.98 -29.95 1.81
N THR A 94 -2.76 -29.58 3.05
CA THR A 94 -2.79 -30.61 4.08
C THR A 94 -4.15 -31.29 4.12
N SER A 95 -5.23 -30.53 3.93
CA SER A 95 -6.58 -31.10 4.01
C SER A 95 -6.81 -32.19 2.97
N ASP A 96 -6.05 -32.19 1.87
CA ASP A 96 -6.14 -33.23 0.86
C ASP A 96 -5.91 -34.62 1.45
N HIS A 97 -5.28 -34.71 2.60
CA HIS A 97 -4.92 -35.98 3.22
C HIS A 97 -5.64 -36.20 4.56
N PHE A 98 -6.68 -35.40 4.85
CA PHE A 98 -7.41 -35.55 6.10
C PHE A 98 -7.84 -36.99 6.34
N GLU A 99 -8.44 -37.62 5.33
CA GLU A 99 -8.87 -39.01 5.43
C GLU A 99 -7.72 -39.90 5.86
N THR A 100 -6.60 -39.85 5.14
CA THR A 100 -5.46 -40.71 5.47
C THR A 100 -4.90 -40.40 6.86
N ILE A 101 -4.84 -39.12 7.23
CA ILE A 101 -4.33 -38.76 8.55
C ILE A 101 -5.24 -39.29 9.64
N MET A 102 -6.55 -39.22 9.41
CA MET A 102 -7.46 -39.78 10.40
C MET A 102 -7.21 -41.27 10.58
N LYS A 103 -6.99 -41.98 9.47
CA LYS A 103 -6.80 -43.42 9.58
C LYS A 103 -5.53 -43.76 10.34
N TYR A 104 -4.45 -42.98 10.15
CA TYR A 104 -3.23 -43.24 10.91
C TYR A 104 -3.41 -42.93 12.40
N ALA A 105 -4.25 -41.96 12.73
CA ALA A 105 -4.57 -41.74 14.13
C ALA A 105 -5.27 -42.95 14.73
N GLU A 106 -6.24 -43.51 14.02
CA GLU A 106 -6.95 -44.68 14.52
C GLU A 106 -6.04 -45.89 14.61
N GLN A 107 -5.06 -45.99 13.71
CA GLN A 107 -4.07 -47.04 13.84
C GLN A 107 -3.32 -46.90 15.17
N LEU A 108 -2.89 -45.70 15.50
CA LEU A 108 -2.09 -45.55 16.72
C LEU A 108 -2.93 -45.81 17.96
N ILE A 109 -4.22 -45.41 17.93
CA ILE A 109 -5.11 -45.69 19.07
C ILE A 109 -5.20 -47.19 19.30
N GLN A 110 -5.43 -47.94 18.22
CA GLN A 110 -5.61 -49.38 18.22
C GLN A 110 -4.35 -50.13 18.53
N GLU A 111 -3.22 -49.45 18.68
CA GLU A 111 -1.98 -50.11 19.05
C GLU A 111 -1.46 -49.60 20.37
N GLY A 112 -2.30 -48.89 21.13
CA GLY A 112 -1.85 -48.37 22.39
C GLY A 112 -0.91 -47.22 22.28
N LYS A 113 -0.65 -46.73 21.07
CA LYS A 113 0.31 -45.65 20.90
C LYS A 113 -0.31 -44.28 21.07
N ALA A 114 -1.63 -44.18 21.02
CA ALA A 114 -2.30 -42.92 21.25
C ALA A 114 -3.49 -43.17 22.17
N TYR A 115 -3.79 -42.16 22.98
CA TYR A 115 -4.94 -42.23 23.88
C TYR A 115 -5.64 -40.89 23.81
N VAL A 116 -6.85 -40.85 24.35
CA VAL A 116 -7.67 -39.64 24.34
C VAL A 116 -7.68 -39.08 25.75
N ASP A 117 -7.56 -37.76 25.86
CA ASP A 117 -7.47 -37.09 27.14
C ASP A 117 -8.52 -35.99 27.18
N ASP A 118 -9.31 -35.97 28.26
CA ASP A 118 -10.24 -34.89 28.52
C ASP A 118 -9.73 -33.92 29.56
N THR A 119 -8.52 -34.14 30.07
CA THR A 119 -7.94 -33.23 31.04
C THR A 119 -7.95 -31.80 30.49
N PRO A 120 -8.50 -30.83 31.22
CA PRO A 120 -8.50 -29.44 30.73
C PRO A 120 -7.09 -28.96 30.41
N ALA A 121 -7.01 -28.09 29.39
CA ALA A 121 -5.73 -27.77 28.77
C ALA A 121 -4.74 -27.22 29.78
N GLU A 122 -5.17 -26.29 30.64
CA GLU A 122 -4.24 -25.65 31.57
C GLU A 122 -3.66 -26.67 32.54
N GLN A 123 -4.50 -27.56 33.08
CA GLN A 123 -3.98 -28.67 33.86
C GLN A 123 -3.08 -29.56 33.02
N MET A 124 -3.49 -29.82 31.78
CA MET A 124 -2.71 -30.67 30.89
C MET A 124 -1.31 -30.12 30.69
N LYS A 125 -1.17 -28.80 30.52
CA LYS A 125 0.16 -28.21 30.38
C LYS A 125 0.91 -28.24 31.70
N ALA A 126 0.19 -28.08 32.81
CA ALA A 126 0.81 -28.29 34.11
C ALA A 126 1.46 -29.66 34.18
N GLU A 127 0.66 -30.72 34.00
CA GLU A 127 1.18 -32.07 34.11
C GLU A 127 2.30 -32.32 33.11
N ARG A 128 2.14 -31.82 31.88
CA ARG A 128 3.21 -31.90 30.90
C ARG A 128 4.46 -31.19 31.41
N GLU A 129 4.28 -30.05 32.08
CA GLU A 129 5.40 -29.33 32.64
C GLU A 129 6.08 -30.12 33.75
N GLN A 130 5.33 -30.92 34.50
CA GLN A 130 5.89 -31.61 35.67
C GLN A 130 6.03 -33.11 35.45
N ARG A 131 6.26 -33.52 34.20
CA ARG A 131 6.49 -34.91 33.81
C ARG A 131 5.49 -35.85 34.50
N MET A 132 4.24 -35.39 34.57
CA MET A 132 3.18 -36.12 35.26
C MET A 132 2.22 -36.72 34.24
N GLU A 133 2.04 -38.03 34.32
CA GLU A 133 1.14 -38.73 33.44
C GLU A 133 -0.31 -38.41 33.81
N SER A 134 -1.13 -38.16 32.79
CA SER A 134 -2.54 -37.91 33.00
C SER A 134 -3.28 -39.20 33.36
N LYS A 135 -4.46 -39.04 33.96
CA LYS A 135 -5.26 -40.18 34.38
C LYS A 135 -5.53 -41.15 33.23
N HIS A 136 -5.55 -40.64 32.00
CA HIS A 136 -6.00 -41.39 30.83
C HIS A 136 -4.88 -42.16 30.14
N ARG A 137 -3.62 -41.97 30.53
CA ARG A 137 -2.54 -42.49 29.69
C ARG A 137 -2.64 -44.00 29.53
N ASN A 138 -3.18 -44.69 30.53
CA ASN A 138 -3.21 -46.14 30.53
C ASN A 138 -4.59 -46.70 30.19
N ASN A 139 -5.48 -45.87 29.64
CA ASN A 139 -6.77 -46.36 29.17
C ASN A 139 -6.59 -47.55 28.24
N CYS A 140 -7.51 -48.51 28.31
CA CYS A 140 -7.47 -49.59 27.34
C CYS A 140 -7.85 -49.03 25.97
N VAL A 141 -7.54 -49.81 24.92
CA VAL A 141 -7.85 -49.36 23.57
C VAL A 141 -9.33 -49.03 23.44
N ASN A 142 -10.21 -49.84 24.06
CA ASN A 142 -11.65 -49.67 23.87
C ASN A 142 -12.14 -48.36 24.44
N LYS A 143 -11.65 -47.96 25.61
CA LYS A 143 -12.07 -46.69 26.18
C LYS A 143 -11.55 -45.52 25.34
N ASN A 144 -10.34 -45.65 24.81
CA ASN A 144 -9.80 -44.65 23.89
C ASN A 144 -10.64 -44.57 22.63
N LEU A 145 -11.03 -45.74 22.08
CA LEU A 145 -11.84 -45.73 20.87
C LEU A 145 -13.22 -45.13 21.14
N GLN A 146 -13.75 -45.27 22.36
CA GLN A 146 -15.05 -44.68 22.65
C GLN A 146 -14.97 -43.17 22.78
N MET A 147 -13.95 -42.65 23.47
CA MET A 147 -13.75 -41.20 23.51
C MET A 147 -13.41 -40.64 22.12
N TRP A 148 -12.55 -41.33 21.37
CA TRP A 148 -12.26 -40.93 20.01
C TRP A 148 -13.55 -40.83 19.18
N GLU A 149 -14.51 -41.72 19.45
CA GLU A 149 -15.80 -41.62 18.76
C GLU A 149 -16.52 -40.33 19.12
N GLU A 150 -16.42 -39.92 20.39
CA GLU A 150 -17.06 -38.68 20.77
C GLU A 150 -16.44 -37.47 20.08
N MET A 151 -15.13 -37.46 19.86
CA MET A 151 -14.51 -36.36 19.13
C MET A 151 -14.92 -36.35 17.66
N LYS A 152 -15.00 -37.55 17.05
CA LYS A 152 -15.36 -37.65 15.64
C LYS A 152 -16.77 -37.16 15.40
N LYS A 153 -17.69 -37.52 16.30
CA LYS A 153 -19.08 -37.07 16.20
C LYS A 153 -19.25 -35.63 16.63
N GLY A 154 -18.25 -35.06 17.30
CA GLY A 154 -18.31 -33.67 17.66
C GLY A 154 -19.17 -33.37 18.86
N THR A 155 -19.48 -34.38 19.67
CA THR A 155 -20.28 -34.16 20.87
C THR A 155 -19.59 -33.12 21.75
N GLU A 156 -20.37 -32.55 22.66
CA GLU A 156 -19.81 -31.58 23.59
C GLU A 156 -18.77 -32.18 24.51
N TYR A 157 -18.80 -33.49 24.72
CA TYR A 157 -17.75 -34.11 25.51
C TYR A 157 -16.51 -34.37 24.66
N GLY A 158 -16.70 -34.83 23.42
CA GLY A 158 -15.59 -34.95 22.50
C GLY A 158 -14.87 -33.64 22.29
N GLN A 159 -15.62 -32.53 22.35
CA GLN A 159 -15.03 -31.22 22.11
C GLN A 159 -14.01 -30.85 23.17
N THR A 160 -14.09 -31.45 24.35
CA THR A 160 -13.12 -31.21 25.42
C THR A 160 -12.00 -32.24 25.41
N CYS A 161 -12.01 -33.16 24.46
CA CYS A 161 -11.03 -34.23 24.37
C CYS A 161 -10.02 -33.94 23.26
N CYS A 162 -8.78 -34.36 23.49
CA CYS A 162 -7.79 -34.36 22.42
C CYS A 162 -7.05 -35.69 22.40
N LEU A 163 -6.62 -36.05 21.20
CA LEU A 163 -5.83 -37.25 20.97
C LEU A 163 -4.36 -36.93 21.22
N ARG A 164 -3.73 -37.68 22.13
CA ARG A 164 -2.31 -37.51 22.43
C ARG A 164 -1.54 -38.77 22.05
N ALA A 165 -0.29 -38.58 21.65
CA ALA A 165 0.58 -39.72 21.41
C ALA A 165 1.09 -40.21 22.76
N LYS A 166 1.29 -41.52 22.86
CA LYS A 166 1.74 -42.11 24.12
C LYS A 166 3.24 -42.34 23.96
N ILE A 167 4.03 -41.34 24.34
CA ILE A 167 5.46 -41.42 24.07
C ILE A 167 6.22 -41.54 25.39
N ASP A 168 6.60 -40.40 25.97
CA ASP A 168 7.40 -40.40 27.18
C ASP A 168 7.13 -39.11 27.95
N MET A 169 6.41 -39.23 29.06
CA MET A 169 6.23 -38.05 29.90
C MET A 169 7.50 -37.64 30.63
N ASN A 170 8.56 -38.43 30.55
CA ASN A 170 9.79 -38.11 31.27
C ASN A 170 10.89 -37.51 30.40
N SER A 171 10.64 -37.25 29.11
CA SER A 171 11.71 -36.84 28.23
C SER A 171 12.14 -35.41 28.51
N ASN A 172 13.45 -35.14 28.36
CA ASN A 172 13.91 -33.76 28.38
C ASN A 172 13.26 -32.95 27.28
N ASN A 173 12.81 -33.64 26.21
CA ASN A 173 12.21 -33.01 25.05
C ASN A 173 10.73 -32.83 25.35
N GLY A 174 10.38 -31.61 25.76
CA GLY A 174 9.00 -31.22 25.95
C GLY A 174 8.12 -31.75 24.84
N CYS A 175 8.63 -31.70 23.62
CA CYS A 175 7.84 -32.16 22.47
C CYS A 175 7.55 -33.65 22.50
N MET A 176 8.21 -34.41 23.36
CA MET A 176 7.96 -35.84 23.47
C MET A 176 6.98 -36.20 24.59
N ARG A 177 6.53 -35.23 25.39
CA ARG A 177 5.70 -35.52 26.56
C ARG A 177 4.23 -35.63 26.13
N ASP A 178 3.95 -36.73 25.44
CA ASP A 178 2.62 -37.04 24.91
C ASP A 178 2.01 -35.82 24.22
N PRO A 179 2.50 -35.44 23.04
CA PRO A 179 1.95 -34.27 22.35
C PRO A 179 0.56 -34.54 21.80
N THR A 180 -0.24 -33.48 21.78
CA THR A 180 -1.53 -33.52 21.10
C THR A 180 -1.35 -33.79 19.61
N LEU A 181 -2.08 -34.79 19.10
CA LEU A 181 -2.11 -35.14 17.70
C LEU A 181 -3.38 -34.68 16.98
N TYR A 182 -4.50 -34.61 17.69
CA TYR A 182 -5.78 -34.29 17.09
C TYR A 182 -6.58 -33.52 18.12
N ARG A 183 -7.40 -32.59 17.64
CA ARG A 183 -8.33 -31.89 18.49
C ARG A 183 -9.72 -31.98 17.87
N CYS A 184 -10.73 -31.73 18.69
CA CYS A 184 -12.12 -31.72 18.24
C CYS A 184 -12.58 -30.26 18.11
N LYS A 185 -12.88 -29.84 16.88
CA LYS A 185 -13.42 -28.52 16.62
C LYS A 185 -14.63 -28.66 15.71
N ASN A 186 -15.81 -28.29 16.23
CA ASN A 186 -17.03 -28.28 15.42
C ASN A 186 -16.97 -27.25 14.29
N GLN A 187 -15.84 -26.57 14.16
CA GLN A 187 -15.64 -25.61 13.09
C GLN A 187 -15.84 -26.28 11.74
N PRO A 188 -16.48 -25.61 10.78
CA PRO A 188 -16.47 -26.11 9.41
C PRO A 188 -15.19 -25.65 8.71
N HIS A 189 -14.67 -26.52 7.85
CA HIS A 189 -13.37 -26.29 7.21
C HIS A 189 -13.55 -25.77 5.80
N PRO A 190 -12.68 -24.83 5.39
CA PRO A 190 -12.82 -24.20 4.07
C PRO A 190 -12.92 -25.16 2.91
N ARG A 191 -12.09 -26.21 2.86
CA ARG A 191 -12.14 -27.14 1.73
C ARG A 191 -12.87 -28.45 2.04
N THR A 192 -12.91 -28.90 3.29
CA THR A 192 -13.62 -30.12 3.63
C THR A 192 -14.95 -29.86 4.29
N GLY A 193 -15.29 -28.60 4.54
CA GLY A 193 -16.59 -28.28 5.09
C GLY A 193 -16.83 -28.85 6.47
N THR A 194 -17.82 -29.74 6.57
CA THR A 194 -18.18 -30.33 7.85
C THR A 194 -17.96 -31.84 7.85
N THR A 195 -17.32 -32.39 6.81
CA THR A 195 -16.93 -33.79 6.83
C THR A 195 -16.24 -34.15 8.14
N TYR A 196 -15.41 -33.26 8.66
CA TYR A 196 -14.55 -33.55 9.80
C TYR A 196 -14.90 -32.59 10.92
N LYS A 197 -15.20 -33.14 12.08
CA LYS A 197 -15.23 -32.39 13.33
C LYS A 197 -13.92 -32.53 14.08
N VAL A 198 -13.00 -33.31 13.53
CA VAL A 198 -11.74 -33.60 14.20
C VAL A 198 -10.62 -33.15 13.26
N TYR A 199 -9.59 -32.53 13.84
CA TYR A 199 -8.55 -31.89 13.04
C TYR A 199 -7.17 -32.19 13.61
N PRO A 200 -6.21 -32.62 12.79
CA PRO A 200 -4.88 -32.93 13.31
C PRO A 200 -4.09 -31.67 13.61
N THR A 201 -3.16 -31.78 14.54
CA THR A 201 -2.19 -30.73 14.75
C THR A 201 -1.12 -30.76 13.66
N TYR A 202 -0.42 -29.63 13.50
CA TYR A 202 0.72 -29.60 12.59
C TYR A 202 1.74 -30.67 12.95
N ASP A 203 2.07 -30.77 14.24
CA ASP A 203 3.06 -31.73 14.69
C ASP A 203 2.79 -33.11 14.12
N PHE A 204 1.51 -33.48 14.00
CA PHE A 204 1.10 -34.81 13.59
C PHE A 204 0.92 -34.90 12.09
N ALA A 205 0.24 -33.91 11.52
CA ALA A 205 -0.02 -33.91 10.08
C ALA A 205 1.26 -33.87 9.26
N CYS A 206 2.26 -33.11 9.73
CA CYS A 206 3.41 -32.79 8.88
C CYS A 206 4.26 -34.00 8.54
N PRO A 207 4.72 -34.82 9.50
CA PRO A 207 5.48 -36.03 9.11
C PRO A 207 4.69 -36.92 8.17
N ILE A 208 3.39 -37.03 8.39
CA ILE A 208 2.58 -37.92 7.57
C ILE A 208 2.48 -37.41 6.15
N VAL A 209 2.20 -36.10 5.98
CA VAL A 209 1.98 -35.61 4.62
C VAL A 209 3.29 -35.54 3.85
N ASP A 210 4.40 -35.20 4.52
CA ASP A 210 5.70 -35.27 3.86
C ASP A 210 6.00 -36.68 3.39
N SER A 211 5.56 -37.67 4.16
CA SER A 211 5.79 -39.06 3.79
C SER A 211 4.89 -39.46 2.63
N ILE A 212 3.61 -39.09 2.69
CA ILE A 212 2.66 -39.41 1.62
C ILE A 212 3.10 -38.79 0.30
N GLU A 213 3.34 -37.48 0.31
CA GLU A 213 3.66 -36.75 -0.90
C GLU A 213 5.04 -37.07 -1.43
N GLY A 214 5.82 -37.90 -0.75
CA GLY A 214 7.08 -38.38 -1.28
C GLY A 214 8.28 -37.52 -0.96
N VAL A 215 8.14 -36.61 0.00
CA VAL A 215 9.20 -35.65 0.29
C VAL A 215 10.45 -36.41 0.73
N THR A 216 11.55 -36.22 0.01
CA THR A 216 12.82 -36.82 0.40
C THR A 216 13.61 -35.95 1.37
N HIS A 217 13.44 -34.63 1.31
CA HIS A 217 14.21 -33.73 2.14
C HIS A 217 13.27 -32.67 2.66
N ALA A 218 13.02 -32.70 3.95
CA ALA A 218 12.18 -31.70 4.60
C ALA A 218 13.10 -30.66 5.19
N LEU A 219 13.04 -29.45 4.65
CA LEU A 219 13.82 -28.35 5.16
C LEU A 219 13.02 -27.67 6.27
N ARG A 220 13.58 -27.64 7.47
CA ARG A 220 13.01 -26.88 8.56
C ARG A 220 14.08 -25.95 9.10
N THR A 221 13.63 -24.84 9.69
CA THR A 221 14.53 -23.97 10.38
C THR A 221 15.06 -24.69 11.61
N THR A 222 16.28 -24.35 12.00
CA THR A 222 16.90 -24.97 13.16
C THR A 222 16.04 -24.85 14.41
N GLU A 223 15.15 -23.86 14.48
CA GLU A 223 14.28 -23.72 15.63
C GLU A 223 13.28 -24.87 15.79
N TYR A 224 13.10 -25.73 14.79
CA TYR A 224 12.24 -26.89 14.91
C TYR A 224 12.96 -28.11 15.46
N HIS A 225 14.23 -27.97 15.88
CA HIS A 225 15.08 -29.13 16.11
C HIS A 225 14.47 -30.11 17.13
N ASP A 226 13.83 -29.59 18.17
CA ASP A 226 13.18 -30.47 19.14
C ASP A 226 12.17 -31.37 18.46
N ARG A 227 11.35 -30.82 17.55
CA ARG A 227 10.30 -31.59 16.91
C ARG A 227 10.81 -32.65 15.95
N ASP A 228 12.10 -32.61 15.58
CA ASP A 228 12.63 -33.66 14.72
C ASP A 228 12.54 -35.03 15.41
N GLU A 229 12.92 -35.09 16.67
CA GLU A 229 12.77 -36.33 17.43
C GLU A 229 11.31 -36.79 17.41
N GLN A 230 10.39 -35.86 17.68
CA GLN A 230 8.96 -36.15 17.60
C GLN A 230 8.57 -36.58 16.20
N PHE A 231 8.98 -35.79 15.20
CA PHE A 231 8.72 -36.08 13.80
C PHE A 231 9.01 -37.54 13.49
N TYR A 232 10.20 -38.00 13.88
CA TYR A 232 10.66 -39.32 13.50
C TYR A 232 9.99 -40.42 14.31
N TRP A 233 9.61 -40.11 15.55
CA TRP A 233 8.80 -41.05 16.32
C TRP A 233 7.51 -41.38 15.59
N ILE A 234 6.75 -40.34 15.19
CA ILE A 234 5.50 -40.55 14.46
C ILE A 234 5.75 -41.42 13.22
N ILE A 235 6.81 -41.09 12.47
CA ILE A 235 7.11 -41.87 11.26
C ILE A 235 7.30 -43.34 11.61
N GLU A 236 8.16 -43.62 12.60
CA GLU A 236 8.44 -44.99 13.00
C GLU A 236 7.22 -45.65 13.62
N ALA A 237 6.57 -44.97 14.58
CA ALA A 237 5.35 -45.51 15.17
C ALA A 237 4.32 -45.89 14.12
N LEU A 238 4.26 -45.14 13.02
CA LEU A 238 3.38 -45.50 11.92
C LEU A 238 4.03 -46.46 10.93
N GLY A 239 5.36 -46.57 10.95
CA GLY A 239 6.05 -47.42 10.00
C GLY A 239 5.91 -46.99 8.54
N ILE A 240 6.18 -45.72 8.24
CA ILE A 240 5.97 -45.20 6.89
C ILE A 240 7.29 -44.60 6.37
N ARG A 241 7.31 -44.31 5.06
CA ARG A 241 8.38 -43.56 4.42
C ARG A 241 8.97 -42.51 5.35
N LYS A 242 10.28 -42.55 5.58
CA LYS A 242 10.91 -41.59 6.47
C LYS A 242 11.59 -40.48 5.66
N PRO A 243 11.01 -39.27 5.58
CA PRO A 243 11.71 -38.18 4.92
C PRO A 243 12.91 -37.73 5.74
N TYR A 244 13.89 -37.15 5.04
CA TYR A 244 15.08 -36.65 5.71
C TYR A 244 14.90 -35.18 6.07
N ILE A 245 15.23 -34.83 7.30
CA ILE A 245 15.07 -33.47 7.80
C ILE A 245 16.41 -32.76 7.64
N TRP A 246 16.42 -31.70 6.84
CA TRP A 246 17.58 -30.84 6.67
C TRP A 246 17.29 -29.52 7.38
N GLU A 247 18.18 -29.12 8.27
CA GLU A 247 17.95 -27.95 9.10
C GLU A 247 18.88 -26.82 8.67
N TYR A 248 18.30 -25.68 8.35
CA TYR A 248 19.02 -24.45 8.06
C TYR A 248 18.73 -23.42 9.15
N SER A 249 19.64 -22.46 9.29
CA SER A 249 19.49 -21.45 10.34
C SER A 249 18.38 -20.47 10.01
N ARG A 250 17.66 -20.07 11.05
CA ARG A 250 16.66 -19.02 10.94
C ARG A 250 17.32 -17.71 10.55
N LEU A 251 16.64 -16.91 9.73
CA LEU A 251 17.13 -15.58 9.38
C LEU A 251 16.92 -14.61 10.55
N ASN A 252 18.00 -14.18 11.16
CA ASN A 252 17.99 -13.13 12.17
C ASN A 252 18.60 -11.88 11.56
N LEU A 253 17.76 -10.89 11.26
CA LEU A 253 18.24 -9.64 10.69
C LEU A 253 18.23 -8.54 11.73
N ASN A 254 19.30 -7.75 11.74
CA ASN A 254 19.35 -6.68 12.70
C ASN A 254 18.31 -5.61 12.38
N ASN A 255 17.91 -4.90 13.44
CA ASN A 255 16.96 -3.81 13.36
C ASN A 255 15.61 -4.26 12.83
N THR A 256 15.28 -5.53 13.04
CA THR A 256 14.20 -6.15 12.31
C THR A 256 13.49 -7.15 13.21
N VAL A 257 12.17 -7.15 13.16
CA VAL A 257 11.33 -8.16 13.80
C VAL A 257 10.53 -8.87 12.72
N LEU A 258 10.29 -10.16 12.91
CA LEU A 258 9.65 -10.97 11.90
C LEU A 258 8.31 -11.56 12.34
N SER A 259 7.93 -11.38 13.59
CA SER A 259 6.72 -11.99 14.14
C SER A 259 5.51 -11.23 13.65
N LYS A 260 4.48 -11.97 13.23
CA LYS A 260 3.28 -11.31 12.77
C LYS A 260 2.70 -10.40 13.85
N ARG A 261 2.70 -10.86 15.11
CA ARG A 261 2.10 -10.04 16.16
C ARG A 261 2.89 -8.77 16.41
N LYS A 262 4.21 -8.78 16.16
CA LYS A 262 4.98 -7.56 16.30
C LYS A 262 4.83 -6.66 15.08
N LEU A 263 4.94 -7.24 13.88
CA LEU A 263 4.72 -6.48 12.65
C LEU A 263 3.35 -5.83 12.67
N MET A 264 2.35 -6.55 13.17
CA MET A 264 0.98 -6.03 13.19
C MET A 264 0.87 -4.76 13.99
N TRP A 265 1.68 -4.62 15.04
CA TRP A 265 1.62 -3.42 15.88
C TRP A 265 1.96 -2.18 15.08
N PHE A 266 2.97 -2.29 14.20
CA PHE A 266 3.32 -1.17 13.33
C PHE A 266 2.16 -0.81 12.41
N VAL A 267 1.50 -1.82 11.84
CA VAL A 267 0.34 -1.55 11.00
C VAL A 267 -0.73 -0.86 11.80
N ASN A 268 -1.06 -1.41 12.98
CA ASN A 268 -2.14 -0.86 13.78
C ASN A 268 -1.79 0.51 14.30
N GLU A 269 -0.54 0.73 14.69
CA GLU A 269 -0.19 2.06 15.14
C GLU A 269 -0.08 3.06 14.01
N GLY A 270 -0.25 2.65 12.76
CA GLY A 270 -0.07 3.59 11.66
C GLY A 270 1.34 4.07 11.45
N LEU A 271 2.34 3.42 12.06
CA LEU A 271 3.73 3.81 11.81
C LEU A 271 4.17 3.41 10.42
N VAL A 272 3.36 2.63 9.72
CA VAL A 272 3.75 2.01 8.45
C VAL A 272 2.51 2.04 7.55
N ASP A 273 2.72 2.00 6.24
CA ASP A 273 1.62 2.10 5.29
C ASP A 273 0.72 0.87 5.28
N GLY A 274 1.25 -0.28 5.68
CA GLY A 274 0.57 -1.53 5.48
C GLY A 274 1.62 -2.59 5.23
N TRP A 275 1.16 -3.76 4.81
CA TRP A 275 2.07 -4.89 4.82
C TRP A 275 3.09 -4.82 3.70
N ASP A 276 2.85 -4.04 2.66
CA ASP A 276 3.81 -3.92 1.59
C ASP A 276 4.65 -2.66 1.74
N ASP A 277 4.72 -2.12 2.95
CA ASP A 277 5.51 -0.92 3.18
C ASP A 277 6.99 -1.23 2.96
N PRO A 278 7.73 -0.35 2.29
CA PRO A 278 9.13 -0.67 1.97
C PRO A 278 10.04 -0.76 3.19
N ARG A 279 9.55 -0.46 4.38
CA ARG A 279 10.28 -0.71 5.61
C ARG A 279 9.99 -2.06 6.20
N PHE A 280 8.96 -2.76 5.70
CA PHE A 280 8.64 -4.04 6.28
C PHE A 280 9.52 -5.11 5.65
N PRO A 281 9.86 -6.11 6.41
CA PRO A 281 10.63 -7.22 5.84
C PRO A 281 9.76 -8.26 5.15
N THR A 282 8.54 -7.92 4.76
CA THR A 282 7.78 -8.82 3.91
C THR A 282 8.42 -8.90 2.53
N VAL A 283 8.14 -9.97 1.79
CA VAL A 283 8.77 -10.00 0.47
C VAL A 283 8.21 -8.87 -0.39
N ARG A 284 6.93 -8.56 -0.23
CA ARG A 284 6.33 -7.40 -0.88
C ARG A 284 7.09 -6.12 -0.56
N GLY A 285 7.22 -5.80 0.73
CA GLY A 285 7.92 -4.57 1.09
C GLY A 285 9.36 -4.55 0.62
N VAL A 286 10.03 -5.69 0.73
CA VAL A 286 11.44 -5.76 0.41
C VAL A 286 11.68 -5.57 -1.09
N LEU A 287 10.79 -6.12 -1.92
CA LEU A 287 10.87 -5.89 -3.37
C LEU A 287 10.52 -4.45 -3.73
N ARG A 288 9.53 -3.86 -3.04
CA ARG A 288 9.23 -2.45 -3.23
C ARG A 288 10.42 -1.57 -2.88
N ARG A 289 11.25 -2.03 -1.95
CA ARG A 289 12.40 -1.26 -1.52
C ARG A 289 13.50 -1.27 -2.57
N GLY A 290 13.44 -2.21 -3.52
CA GLY A 290 14.45 -2.30 -4.56
C GLY A 290 15.31 -3.54 -4.51
N MET A 291 15.05 -4.45 -3.56
CA MET A 291 15.66 -5.77 -3.62
C MET A 291 15.21 -6.48 -4.88
N THR A 292 16.14 -7.13 -5.56
CA THR A 292 15.76 -7.95 -6.69
C THR A 292 15.73 -9.41 -6.27
N VAL A 293 14.98 -10.21 -7.01
CA VAL A 293 14.99 -11.64 -6.73
C VAL A 293 16.40 -12.18 -6.83
N GLU A 294 17.11 -11.81 -7.91
CA GLU A 294 18.43 -12.39 -8.13
C GLU A 294 19.37 -11.99 -7.01
N GLY A 295 19.27 -10.74 -6.56
CA GLY A 295 20.07 -10.31 -5.42
C GLY A 295 19.74 -11.12 -4.19
N LEU A 296 18.45 -11.35 -3.95
CA LEU A 296 18.06 -12.25 -2.87
C LEU A 296 18.58 -13.66 -3.13
N LYS A 297 18.35 -14.18 -4.34
CA LYS A 297 18.77 -15.54 -4.67
C LYS A 297 20.27 -15.75 -4.44
N GLN A 298 21.09 -14.76 -4.77
CA GLN A 298 22.53 -14.93 -4.59
C GLN A 298 22.94 -14.85 -3.14
N PHE A 299 22.22 -14.05 -2.35
CA PHE A 299 22.53 -14.02 -0.93
C PHE A 299 22.23 -15.36 -0.28
N ILE A 300 21.07 -15.96 -0.58
CA ILE A 300 20.73 -17.25 0.03
C ILE A 300 21.77 -18.29 -0.34
N ALA A 301 22.14 -18.35 -1.62
CA ALA A 301 23.09 -19.34 -2.11
C ALA A 301 24.46 -19.17 -1.49
N ALA A 302 24.84 -17.96 -1.12
CA ALA A 302 26.21 -17.73 -0.64
C ALA A 302 26.41 -18.29 0.76
N GLN A 303 25.34 -18.38 1.55
CA GLN A 303 25.42 -18.97 2.88
C GLN A 303 24.63 -20.27 2.98
N GLY A 304 23.83 -20.60 1.97
CA GLY A 304 23.29 -21.93 1.74
C GLY A 304 22.64 -22.54 2.96
N SER A 305 22.98 -23.81 3.21
CA SER A 305 22.51 -24.51 4.41
C SER A 305 23.59 -24.36 5.48
N SER A 306 23.53 -23.23 6.17
CA SER A 306 24.32 -23.03 7.37
C SER A 306 23.40 -23.17 8.58
N ARG A 307 23.92 -23.78 9.66
CA ARG A 307 23.15 -24.01 10.87
C ARG A 307 23.48 -23.02 11.99
N SER A 308 24.54 -22.23 11.85
CA SER A 308 24.86 -21.20 12.84
C SER A 308 23.88 -20.04 12.73
N VAL A 309 23.21 -19.71 13.82
CA VAL A 309 22.15 -18.67 13.79
C VAL A 309 22.85 -17.34 14.10
N VAL A 310 23.43 -16.75 13.05
CA VAL A 310 24.15 -15.48 13.14
C VAL A 310 23.12 -14.36 13.28
N ASN A 311 23.56 -13.19 13.71
CA ASN A 311 22.75 -11.98 13.56
C ASN A 311 23.17 -11.35 12.24
N MET A 312 22.35 -11.56 11.20
CA MET A 312 22.66 -11.05 9.87
C MET A 312 22.47 -9.55 9.81
N GLU A 313 23.33 -8.89 9.06
CA GLU A 313 23.22 -7.45 8.85
C GLU A 313 22.52 -7.22 7.51
N TRP A 314 21.56 -6.29 7.47
CA TRP A 314 20.84 -6.04 6.24
C TRP A 314 21.78 -5.64 5.12
N ASP A 315 22.82 -4.85 5.43
CA ASP A 315 23.80 -4.40 4.45
C ASP A 315 24.38 -5.56 3.64
N LYS A 316 24.54 -6.73 4.25
CA LYS A 316 25.15 -7.82 3.51
C LYS A 316 24.23 -8.34 2.41
N ILE A 317 22.92 -8.22 2.58
CA ILE A 317 22.03 -8.57 1.50
C ILE A 317 22.07 -7.49 0.43
N TRP A 318 22.05 -6.22 0.83
CA TRP A 318 22.02 -5.15 -0.14
C TRP A 318 23.25 -5.16 -1.02
N SER A 319 24.41 -5.57 -0.48
CA SER A 319 25.63 -5.64 -1.30
C SER A 319 25.49 -6.68 -2.39
N PHE A 320 24.86 -7.81 -2.07
CA PHE A 320 24.56 -8.77 -3.12
C PHE A 320 23.60 -8.18 -4.14
N ASN A 321 22.65 -7.36 -3.68
CA ASN A 321 21.71 -6.73 -4.60
C ASN A 321 22.38 -5.68 -5.46
N LYS A 322 23.33 -4.95 -4.87
CA LYS A 322 24.01 -3.88 -5.57
C LYS A 322 24.81 -4.43 -6.74
N LYS A 323 25.35 -5.63 -6.57
CA LYS A 323 26.08 -6.25 -7.67
C LYS A 323 25.14 -6.63 -8.81
N VAL A 324 23.88 -6.90 -8.51
CA VAL A 324 22.94 -7.30 -9.56
C VAL A 324 22.44 -6.09 -10.35
N ILE A 325 22.23 -4.95 -9.70
CA ILE A 325 21.59 -3.84 -10.40
C ILE A 325 22.63 -2.90 -11.04
N ASP A 326 23.81 -2.78 -10.44
CA ASP A 326 24.85 -1.90 -10.96
C ASP A 326 25.10 -2.08 -12.46
N PRO A 327 25.37 -3.30 -12.96
CA PRO A 327 25.73 -3.44 -14.38
C PRO A 327 24.62 -3.09 -15.35
N VAL A 328 23.37 -3.01 -14.90
CA VAL A 328 22.25 -2.87 -15.84
C VAL A 328 21.40 -1.65 -15.56
N ALA A 329 21.61 -0.94 -14.47
CA ALA A 329 20.74 0.18 -14.16
C ALA A 329 21.15 1.43 -14.95
N PRO A 330 20.26 2.01 -15.74
CA PRO A 330 20.61 3.23 -16.46
C PRO A 330 20.89 4.40 -15.54
N ARG A 331 21.77 5.29 -15.98
CA ARG A 331 22.15 6.47 -15.22
C ARG A 331 21.33 7.66 -15.69
N TYR A 332 20.67 8.33 -14.74
CA TYR A 332 19.96 9.57 -15.00
C TYR A 332 20.32 10.59 -13.92
N THR A 333 19.78 11.80 -14.07
CA THR A 333 20.10 12.94 -13.22
C THR A 333 18.85 13.46 -12.54
N ALA A 334 18.98 13.82 -11.27
CA ALA A 334 17.95 14.52 -10.53
C ALA A 334 18.63 15.58 -9.70
N LEU A 335 18.06 16.78 -9.67
CA LEU A 335 18.63 17.87 -8.91
C LEU A 335 17.66 18.25 -7.81
N LEU A 336 18.21 18.61 -6.66
CA LEU A 336 17.41 18.96 -5.50
C LEU A 336 16.70 20.29 -5.77
N LYS A 337 15.37 20.24 -5.91
CA LYS A 337 14.64 21.38 -6.46
C LYS A 337 14.90 22.68 -5.71
N ASP A 338 14.94 22.61 -4.37
CA ASP A 338 14.98 23.81 -3.55
C ASP A 338 16.28 24.57 -3.69
N ALA A 339 17.39 23.89 -3.99
CA ALA A 339 18.71 24.50 -3.87
C ALA A 339 19.34 24.74 -5.22
N VAL A 340 18.59 24.54 -6.30
CA VAL A 340 19.18 24.55 -7.63
C VAL A 340 19.62 25.97 -8.00
N VAL A 341 20.71 26.08 -8.77
CA VAL A 341 21.31 27.36 -9.12
C VAL A 341 21.33 27.47 -10.66
N PRO A 342 20.78 28.54 -11.24
CA PRO A 342 20.78 28.65 -12.70
C PRO A 342 22.17 29.04 -13.20
N VAL A 343 22.53 28.49 -14.34
CA VAL A 343 23.85 28.69 -14.94
C VAL A 343 23.65 29.19 -16.37
N ASN A 344 24.39 30.24 -16.73
CA ASN A 344 24.33 30.80 -18.07
C ASN A 344 25.48 30.25 -18.89
N VAL A 345 25.15 29.58 -19.99
CA VAL A 345 26.13 29.07 -20.94
C VAL A 345 25.84 29.76 -22.27
N PRO A 346 26.19 31.03 -22.41
CA PRO A 346 25.64 31.82 -23.53
C PRO A 346 26.04 31.29 -24.90
N GLU A 347 27.22 30.70 -25.04
CA GLU A 347 27.63 30.24 -26.36
C GLU A 347 26.83 29.03 -26.83
N ALA A 348 26.32 28.21 -25.92
CA ALA A 348 25.71 26.95 -26.30
C ALA A 348 24.40 27.19 -27.05
N GLN A 349 24.15 26.36 -28.06
CA GLN A 349 22.88 26.34 -28.75
C GLN A 349 22.03 25.18 -28.26
N GLU A 350 20.71 25.35 -28.29
CA GLU A 350 19.84 24.24 -27.95
C GLU A 350 20.01 23.13 -28.97
N GLU A 351 20.41 21.96 -28.49
CA GLU A 351 20.48 20.78 -29.32
C GLU A 351 20.38 19.58 -28.39
N MET A 352 20.29 18.40 -29.02
CA MET A 352 20.15 17.14 -28.33
C MET A 352 21.16 16.16 -28.92
N LYS A 353 21.96 15.54 -28.06
CA LYS A 353 22.85 14.46 -28.46
C LYS A 353 22.50 13.21 -27.67
N GLU A 354 22.76 12.05 -28.27
CA GLU A 354 22.57 10.78 -27.57
C GLU A 354 23.88 10.35 -26.93
N VAL A 355 23.77 9.77 -25.73
CA VAL A 355 24.89 9.51 -24.85
C VAL A 355 24.62 8.18 -24.14
N ALA A 356 25.69 7.45 -23.79
CA ALA A 356 25.52 6.17 -23.13
C ALA A 356 24.69 6.32 -21.85
N LYS A 357 23.74 5.40 -21.65
CA LYS A 357 22.98 5.31 -20.41
C LYS A 357 23.78 4.72 -19.25
N HIS A 358 24.83 3.93 -19.54
CA HIS A 358 25.60 3.19 -18.56
C HIS A 358 27.09 3.45 -18.75
N PRO A 359 27.86 3.60 -17.67
CA PRO A 359 29.27 3.95 -17.79
C PRO A 359 30.20 2.80 -18.09
N LYS A 360 29.70 1.58 -18.22
CA LYS A 360 30.60 0.46 -18.42
C LYS A 360 29.96 -0.69 -19.20
N ASN A 361 28.69 -0.58 -19.62
CA ASN A 361 28.00 -1.70 -20.25
C ASN A 361 27.19 -1.10 -21.41
N ALA A 362 27.82 -1.06 -22.58
CA ALA A 362 27.21 -0.47 -23.77
C ALA A 362 25.89 -1.12 -24.14
N ASP A 363 25.57 -2.28 -23.56
CA ASP A 363 24.27 -2.91 -23.84
C ASP A 363 23.10 -2.05 -23.40
N VAL A 364 23.25 -1.33 -22.29
CA VAL A 364 22.12 -0.59 -21.72
C VAL A 364 21.57 0.44 -22.70
N GLY A 365 22.40 0.92 -23.62
CA GLY A 365 21.94 1.81 -24.66
C GLY A 365 22.23 3.26 -24.39
N LEU A 366 21.45 4.11 -25.06
CA LEU A 366 21.72 5.54 -25.11
C LEU A 366 20.55 6.33 -24.52
N LYS A 367 20.87 7.52 -23.98
CA LYS A 367 19.82 8.42 -23.57
C LYS A 367 19.97 9.74 -24.30
N PRO A 368 18.87 10.46 -24.55
CA PRO A 368 19.01 11.81 -25.10
C PRO A 368 19.41 12.76 -23.99
N VAL A 369 20.41 13.60 -24.27
CA VAL A 369 20.77 14.71 -23.43
C VAL A 369 20.48 15.99 -24.21
N TRP A 370 19.91 16.98 -23.53
CA TRP A 370 19.60 18.27 -24.12
C TRP A 370 20.56 19.31 -23.57
N TYR A 371 21.06 20.16 -24.45
CA TYR A 371 21.95 21.24 -24.06
C TYR A 371 21.28 22.56 -24.38
N GLY A 372 21.84 23.61 -23.80
CA GLY A 372 21.31 24.93 -24.05
C GLY A 372 21.98 25.92 -23.13
N SER A 373 21.63 27.17 -23.35
CA SER A 373 22.26 28.30 -22.66
C SER A 373 21.75 28.46 -21.25
N LYS A 374 20.61 27.87 -20.91
CA LYS A 374 20.00 27.97 -19.60
C LYS A 374 20.08 26.58 -18.97
N VAL A 375 20.86 26.47 -17.89
CA VAL A 375 21.18 25.20 -17.27
C VAL A 375 21.06 25.36 -15.76
N LEU A 376 20.81 24.25 -15.06
CA LEU A 376 20.69 24.22 -13.60
C LEU A 376 21.69 23.24 -13.02
N ILE A 377 22.29 23.58 -11.90
CA ILE A 377 23.21 22.70 -11.19
C ILE A 377 22.81 22.69 -9.72
N GLU A 378 23.37 21.73 -8.98
CA GLU A 378 23.05 21.63 -7.57
C GLU A 378 23.62 22.84 -6.84
N GLY A 379 22.84 23.35 -5.89
CA GLY A 379 23.38 24.35 -4.99
C GLY A 379 24.58 23.85 -4.20
N ALA A 380 24.56 22.59 -3.78
CA ALA A 380 25.70 22.08 -3.03
C ALA A 380 26.97 22.15 -3.88
N ASP A 381 26.85 21.87 -5.18
CA ASP A 381 28.01 21.97 -6.05
C ASP A 381 28.37 23.42 -6.33
N ALA A 382 27.36 24.27 -6.53
CA ALA A 382 27.60 25.68 -6.81
C ALA A 382 28.52 26.29 -5.76
N GLU A 383 28.26 25.99 -4.48
CA GLU A 383 28.97 26.66 -3.41
C GLU A 383 30.42 26.21 -3.30
N THR A 384 30.81 25.17 -4.03
CA THR A 384 32.20 24.71 -4.05
C THR A 384 32.98 25.20 -5.25
N LEU A 385 32.38 26.01 -6.12
CA LEU A 385 33.07 26.43 -7.32
C LEU A 385 33.80 27.73 -7.06
N THR A 386 34.85 27.96 -7.85
CA THR A 386 35.62 29.19 -7.78
C THR A 386 35.63 29.81 -9.17
N GLU A 387 35.82 31.12 -9.23
CA GLU A 387 35.86 31.77 -10.54
C GLU A 387 37.12 31.35 -11.29
N GLY A 388 36.99 31.24 -12.61
CA GLY A 388 38.10 30.74 -13.42
C GLY A 388 38.39 29.26 -13.28
N GLU A 389 37.51 28.50 -12.65
CA GLU A 389 37.71 27.07 -12.53
C GLU A 389 37.14 26.37 -13.75
N VAL A 390 37.89 25.39 -14.26
CA VAL A 390 37.40 24.55 -15.35
C VAL A 390 36.62 23.39 -14.75
N VAL A 391 35.32 23.34 -15.03
CA VAL A 391 34.44 22.33 -14.45
C VAL A 391 33.91 21.46 -15.58
N THR A 392 33.93 20.15 -15.37
CA THR A 392 33.35 19.22 -16.33
C THR A 392 31.86 19.06 -16.05
N PHE A 393 31.03 19.54 -16.98
CA PHE A 393 29.62 19.21 -16.91
C PHE A 393 29.45 17.84 -17.53
N ILE A 394 28.96 16.90 -16.72
CA ILE A 394 28.91 15.51 -17.14
C ILE A 394 28.09 15.36 -18.42
N ASN A 395 28.60 14.55 -19.35
CA ASN A 395 28.04 14.29 -20.67
C ASN A 395 28.08 15.53 -21.57
N TRP A 396 28.77 16.59 -21.17
CA TRP A 396 28.89 17.80 -21.98
C TRP A 396 30.35 18.09 -22.29
N GLY A 397 31.12 18.47 -21.31
CA GLY A 397 32.53 18.75 -21.50
C GLY A 397 32.95 19.81 -20.52
N ASN A 398 34.10 20.44 -20.79
CA ASN A 398 34.68 21.36 -19.83
C ASN A 398 34.14 22.75 -20.04
N ILE A 399 33.80 23.39 -18.94
CA ILE A 399 33.15 24.69 -18.96
C ILE A 399 33.86 25.54 -17.94
N ILE A 400 34.15 26.78 -18.30
CA ILE A 400 34.90 27.66 -17.42
C ILE A 400 33.91 28.51 -16.64
N ILE A 401 34.02 28.48 -15.31
CA ILE A 401 33.24 29.37 -14.44
C ILE A 401 33.82 30.77 -14.54
N THR A 402 33.01 31.72 -14.96
CA THR A 402 33.56 33.06 -15.03
C THR A 402 33.11 33.93 -13.87
N LYS A 403 31.82 34.20 -13.75
CA LYS A 403 31.29 34.98 -12.64
C LYS A 403 30.38 34.13 -11.75
N LEU A 404 30.59 34.24 -10.44
CA LEU A 404 29.65 33.76 -9.44
C LEU A 404 28.86 34.97 -8.94
N ASN A 405 27.61 35.09 -9.36
CA ASN A 405 26.75 36.19 -8.93
C ASN A 405 26.05 35.84 -7.63
N ARG A 406 26.19 36.71 -6.64
CA ARG A 406 25.56 36.54 -5.34
C ARG A 406 24.62 37.70 -5.07
N ASN A 407 23.74 37.52 -4.09
CA ASN A 407 22.79 38.55 -3.70
C ASN A 407 23.37 39.31 -2.51
N SER A 408 22.54 40.09 -1.83
CA SER A 408 23.00 40.92 -0.72
C SER A 408 23.45 40.08 0.47
N SER A 409 23.05 38.80 0.53
CA SER A 409 23.42 37.95 1.65
C SER A 409 24.64 37.09 1.38
N GLY A 410 25.18 37.12 0.17
CA GLY A 410 26.30 36.26 -0.16
C GLY A 410 25.92 34.89 -0.67
N LYS A 411 24.69 34.70 -1.10
CA LYS A 411 24.23 33.44 -1.65
C LYS A 411 24.41 33.47 -3.16
N ILE A 412 25.04 32.45 -3.72
CA ILE A 412 25.09 32.33 -5.17
C ILE A 412 23.67 32.24 -5.68
N VAL A 413 23.31 33.15 -6.58
CA VAL A 413 22.00 33.12 -7.21
C VAL A 413 22.09 32.89 -8.70
N SER A 414 23.28 32.82 -9.27
CA SER A 414 23.47 32.85 -10.70
C SER A 414 24.92 32.53 -10.97
N ILE A 415 25.18 31.85 -12.08
CA ILE A 415 26.55 31.51 -12.47
C ILE A 415 26.69 31.75 -13.96
N ASP A 416 27.73 32.50 -14.35
CA ASP A 416 28.09 32.72 -15.74
C ASP A 416 29.28 31.86 -16.13
N THR A 417 29.28 31.40 -17.37
CA THR A 417 30.27 30.43 -17.82
C THR A 417 30.73 30.76 -19.23
N LYS A 418 31.88 30.16 -19.58
CA LYS A 418 32.42 30.14 -20.92
C LYS A 418 32.65 28.69 -21.31
N LEU A 419 32.23 28.33 -22.51
CA LEU A 419 32.45 26.97 -23.00
C LEU A 419 33.93 26.77 -23.21
N ASN A 420 34.40 25.55 -22.92
CA ASN A 420 35.80 25.17 -23.00
C ASN A 420 35.89 23.76 -23.57
N LEU A 421 35.10 23.49 -24.61
CA LEU A 421 34.89 22.13 -25.08
C LEU A 421 36.09 21.57 -25.84
N ASP A 422 36.98 22.41 -26.38
CA ASP A 422 38.22 21.88 -26.94
C ASP A 422 39.19 21.42 -25.86
N ASN A 423 38.97 21.80 -24.60
CA ASN A 423 39.81 21.29 -23.52
C ASN A 423 39.25 19.94 -23.13
N LYS A 424 39.98 18.87 -23.49
CA LYS A 424 39.59 17.50 -23.20
C LYS A 424 40.38 16.91 -22.03
N ASP A 425 40.73 17.74 -21.07
CA ASP A 425 41.42 17.25 -19.89
C ASP A 425 40.41 16.97 -18.81
N PHE A 426 40.30 15.72 -18.40
CA PHE A 426 39.31 15.34 -17.40
C PHE A 426 39.94 14.76 -16.14
N LYS A 427 41.23 15.05 -15.88
CA LYS A 427 41.87 14.35 -14.78
C LYS A 427 41.47 14.92 -13.41
N LYS A 428 41.61 16.23 -13.23
CA LYS A 428 41.41 16.82 -11.90
C LYS A 428 40.16 17.70 -11.82
N THR A 429 39.41 17.85 -12.91
CA THR A 429 38.23 18.70 -12.89
C THR A 429 37.15 18.12 -11.98
N THR A 430 36.42 19.01 -11.33
CA THR A 430 35.21 18.58 -10.67
C THR A 430 34.18 18.24 -11.75
N LYS A 431 33.49 17.11 -11.55
CA LYS A 431 32.50 16.61 -12.50
C LYS A 431 31.14 16.70 -11.85
N ILE A 432 30.30 17.59 -12.38
CA ILE A 432 29.03 17.88 -11.75
C ILE A 432 27.89 17.47 -12.66
N THR A 433 26.76 17.17 -12.03
CA THR A 433 25.53 16.92 -12.76
C THR A 433 24.80 18.23 -13.03
N TRP A 434 23.91 18.20 -14.01
CA TRP A 434 23.28 19.41 -14.50
C TRP A 434 22.10 19.00 -15.35
N LEU A 435 21.19 19.94 -15.58
CA LEU A 435 20.03 19.73 -16.42
C LEU A 435 19.76 21.04 -17.13
N ALA A 436 19.40 20.94 -18.40
CA ALA A 436 19.07 22.12 -19.19
C ALA A 436 17.60 22.49 -18.98
N GLU A 437 17.35 23.79 -18.98
CA GLU A 437 16.00 24.33 -18.89
C GLU A 437 15.62 24.72 -20.31
N THR A 438 14.79 23.91 -20.94
CA THR A 438 14.40 24.11 -22.31
C THR A 438 12.99 23.55 -22.48
N PRO A 439 12.11 24.26 -23.19
CA PRO A 439 10.74 23.74 -23.37
C PRO A 439 10.68 22.50 -24.23
N ARG A 440 11.76 22.18 -24.95
CA ARG A 440 11.82 20.98 -25.79
C ARG A 440 12.06 19.71 -24.99
N ALA A 441 12.36 19.80 -23.71
CA ALA A 441 12.57 18.63 -22.89
C ALA A 441 12.36 19.06 -21.44
N PRO A 442 11.11 19.27 -21.05
CA PRO A 442 10.85 19.83 -19.72
C PRO A 442 11.27 18.87 -18.61
N LEU A 443 11.65 19.46 -17.50
CA LEU A 443 12.11 18.68 -16.38
C LEU A 443 10.92 17.95 -15.77
N ILE A 444 11.19 16.81 -15.15
CA ILE A 444 10.12 15.95 -14.65
C ILE A 444 10.09 16.12 -13.13
N PRO A 445 8.98 16.56 -12.54
CA PRO A 445 8.90 16.62 -11.09
C PRO A 445 9.09 15.23 -10.50
N THR A 446 10.01 15.11 -9.55
CA THR A 446 10.21 13.81 -8.97
C THR A 446 10.44 13.93 -7.47
N VAL A 447 9.98 12.93 -6.75
CA VAL A 447 10.22 12.81 -5.32
C VAL A 447 11.16 11.64 -5.07
N CYS A 448 12.21 11.88 -4.30
CA CYS A 448 13.10 10.84 -3.80
C CYS A 448 12.70 10.49 -2.38
N VAL A 449 12.52 9.20 -2.12
CA VAL A 449 12.10 8.76 -0.80
C VAL A 449 13.22 7.94 -0.21
N ASN A 450 13.57 8.23 1.04
CA ASN A 450 14.54 7.45 1.78
C ASN A 450 13.86 6.85 2.99
N TYR A 451 14.11 5.57 3.21
CA TYR A 451 13.56 4.86 4.34
C TYR A 451 14.66 4.43 5.29
N GLU A 452 14.33 4.39 6.56
CA GLU A 452 15.25 3.91 7.58
C GLU A 452 14.63 2.69 8.24
N HIS A 453 15.40 2.09 9.14
CA HIS A 453 14.89 0.96 9.90
C HIS A 453 13.82 1.41 10.89
N LEU A 454 12.89 0.50 11.20
CA LEU A 454 11.83 0.86 12.14
C LEU A 454 12.28 0.75 13.59
N ILE A 455 13.34 -0.02 13.84
CA ILE A 455 13.89 -0.25 15.16
C ILE A 455 15.32 0.29 15.16
N THR A 456 15.62 1.15 16.12
CA THR A 456 16.91 1.82 16.17
C THR A 456 17.99 1.00 16.86
N LYS A 457 17.63 -0.06 17.52
CA LYS A 457 18.62 -0.89 18.18
C LYS A 457 18.86 -2.13 17.33
N PRO A 458 20.10 -2.49 17.04
CA PRO A 458 20.33 -3.53 16.03
C PRO A 458 20.00 -4.92 16.52
N VAL A 459 20.37 -5.23 17.75
CA VAL A 459 20.17 -6.54 18.33
C VAL A 459 19.49 -6.31 19.67
N LEU A 460 18.28 -6.84 19.82
CA LEU A 460 17.58 -6.77 21.08
C LEU A 460 17.98 -7.98 21.90
N GLY A 461 18.38 -7.74 23.14
CA GLY A 461 18.58 -8.85 24.03
C GLY A 461 17.25 -9.50 24.37
N LYS A 462 17.32 -10.71 24.91
CA LYS A 462 16.08 -11.31 25.37
C LYS A 462 15.53 -10.49 26.52
N ASP A 463 14.20 -10.56 26.68
CA ASP A 463 13.47 -9.77 27.67
C ASP A 463 13.49 -8.29 27.36
N GLU A 464 13.84 -7.94 26.12
CA GLU A 464 13.85 -6.55 25.66
C GLU A 464 12.70 -6.34 24.69
N ASP A 465 12.07 -5.18 24.79
CA ASP A 465 10.85 -4.88 24.06
C ASP A 465 11.17 -3.91 22.92
N PHE A 466 10.87 -4.34 21.69
CA PHE A 466 11.17 -3.52 20.52
C PHE A 466 10.48 -2.17 20.59
N LYS A 467 9.30 -2.09 21.21
CA LYS A 467 8.55 -0.83 21.25
C LYS A 467 9.32 0.29 21.94
N GLN A 468 10.36 0.00 22.72
CA GLN A 468 11.21 1.06 23.28
C GLN A 468 12.19 1.64 22.27
N TYR A 469 12.39 1.00 21.11
CA TYR A 469 13.34 1.48 20.12
C TYR A 469 12.67 1.76 18.77
N ILE A 470 11.45 2.30 18.80
CA ILE A 470 10.78 2.67 17.55
C ILE A 470 11.46 3.88 16.95
N ASN A 471 11.77 3.79 15.66
CA ASN A 471 12.26 4.94 14.91
C ASN A 471 11.04 5.70 14.38
N ARG A 472 10.83 6.91 14.90
CA ARG A 472 9.65 7.68 14.53
C ARG A 472 9.91 8.60 13.38
N ASN A 473 11.10 8.54 12.78
CA ASN A 473 11.40 9.32 11.61
C ASN A 473 12.09 8.41 10.60
N SER A 474 11.34 7.43 10.09
CA SER A 474 11.90 6.40 9.23
C SER A 474 11.63 6.64 7.75
N LYS A 475 10.92 7.71 7.40
CA LYS A 475 10.66 8.08 6.02
C LYS A 475 11.06 9.55 5.82
N GLN A 476 11.77 9.83 4.71
CA GLN A 476 12.06 11.21 4.32
C GLN A 476 11.86 11.35 2.82
N GLU A 477 11.21 12.43 2.41
CA GLU A 477 10.97 12.71 1.01
C GLU A 477 11.68 13.99 0.61
N GLU A 478 12.19 14.03 -0.60
CA GLU A 478 12.84 15.23 -1.09
C GLU A 478 12.38 15.50 -2.51
N LEU A 479 12.04 16.76 -2.77
CA LEU A 479 11.52 17.21 -4.05
C LEU A 479 12.67 17.47 -5.03
N MET A 480 12.58 16.89 -6.22
CA MET A 480 13.66 16.95 -7.18
C MET A 480 13.16 17.44 -8.52
N LEU A 481 14.07 18.00 -9.30
CA LEU A 481 13.89 18.21 -10.73
C LEU A 481 14.59 17.06 -11.42
N GLY A 482 13.82 16.26 -12.14
CA GLY A 482 14.33 15.05 -12.74
C GLY A 482 14.65 15.21 -14.20
N ASP A 483 15.64 14.47 -14.61
CA ASP A 483 15.92 14.13 -15.99
C ASP A 483 14.63 13.97 -16.79
N PRO A 484 14.55 14.60 -17.97
CA PRO A 484 13.37 14.37 -18.83
C PRO A 484 13.12 12.91 -19.15
N CYS A 485 14.15 12.07 -19.17
CA CYS A 485 13.87 10.67 -19.44
C CYS A 485 13.10 9.98 -18.34
N LEU A 486 12.92 10.61 -17.18
CA LEU A 486 12.21 9.93 -16.10
C LEU A 486 10.73 9.83 -16.40
N LYS A 487 10.22 10.60 -17.36
CA LYS A 487 8.79 10.60 -17.60
C LYS A 487 8.32 9.25 -18.07
N ASP A 488 9.22 8.41 -18.57
CA ASP A 488 8.80 7.13 -19.11
C ASP A 488 9.11 5.98 -18.19
N LEU A 489 9.71 6.23 -17.05
CA LEU A 489 9.91 5.15 -16.09
C LEU A 489 8.57 4.51 -15.76
N LYS A 490 8.59 3.21 -15.52
CA LYS A 490 7.41 2.58 -14.97
C LYS A 490 7.73 1.96 -13.62
N LYS A 491 6.69 1.85 -12.81
CA LYS A 491 6.75 1.21 -11.52
C LYS A 491 7.63 -0.03 -11.62
N GLY A 492 8.60 -0.16 -10.71
CA GLY A 492 9.52 -1.27 -10.76
C GLY A 492 10.84 -1.01 -11.49
N ASP A 493 10.93 0.01 -12.34
CA ASP A 493 12.20 0.24 -13.02
C ASP A 493 13.22 0.67 -11.99
N ILE A 494 14.41 0.09 -12.10
CA ILE A 494 15.53 0.40 -11.23
C ILE A 494 16.51 1.21 -12.06
N ILE A 495 16.95 2.34 -11.51
CA ILE A 495 17.82 3.27 -12.20
C ILE A 495 18.85 3.77 -11.21
N GLN A 496 19.84 4.49 -11.73
CA GLN A 496 20.78 5.21 -10.91
C GLN A 496 20.65 6.70 -11.17
N LEU A 497 20.41 7.46 -10.11
CA LEU A 497 20.59 8.90 -10.09
C LEU A 497 22.09 9.17 -9.91
N GLN A 498 22.74 9.71 -10.93
CA GLN A 498 24.17 9.94 -10.87
C GLN A 498 24.54 10.74 -9.65
N ARG A 499 25.58 10.31 -8.94
CA ARG A 499 26.09 10.95 -7.73
C ARG A 499 25.16 10.84 -6.55
N ARG A 500 24.04 10.12 -6.66
CA ARG A 500 23.09 9.98 -5.56
C ARG A 500 22.88 8.54 -5.15
N GLY A 501 22.70 7.63 -6.10
CA GLY A 501 22.62 6.21 -5.81
C GLY A 501 21.60 5.51 -6.68
N PHE A 502 21.25 4.29 -6.26
CA PHE A 502 20.26 3.49 -6.94
C PHE A 502 18.87 3.75 -6.41
N PHE A 503 17.90 3.79 -7.32
CA PHE A 503 16.52 4.10 -6.96
C PHE A 503 15.61 3.16 -7.74
N ILE A 504 14.43 2.90 -7.18
CA ILE A 504 13.41 2.15 -7.89
C ILE A 504 12.19 3.04 -8.00
N CYS A 505 11.57 3.01 -9.16
CA CYS A 505 10.33 3.72 -9.40
C CYS A 505 9.17 3.04 -8.69
N ASP A 506 8.60 3.73 -7.72
CA ASP A 506 7.40 3.27 -7.02
C ASP A 506 6.12 3.72 -7.69
N GLN A 507 6.04 4.97 -8.13
CA GLN A 507 4.92 5.49 -8.90
C GLN A 507 5.49 6.28 -10.07
N PRO A 508 4.95 6.11 -11.28
CA PRO A 508 5.46 6.82 -12.44
C PRO A 508 5.00 8.27 -12.42
N TYR A 509 5.63 9.07 -13.26
CA TYR A 509 5.15 10.44 -13.48
C TYR A 509 3.83 10.42 -14.24
N GLU A 510 2.95 11.36 -13.91
CA GLU A 510 1.73 11.50 -14.70
C GLU A 510 1.58 12.94 -15.17
N PRO A 511 1.24 13.16 -16.44
CA PRO A 511 1.06 14.52 -16.96
C PRO A 511 -0.11 15.23 -16.30
N VAL A 512 -0.20 16.54 -16.56
CA VAL A 512 -1.21 17.39 -15.95
C VAL A 512 -2.58 16.73 -16.02
N SER A 513 -3.25 16.66 -14.88
CA SER A 513 -4.59 16.10 -14.91
C SER A 513 -5.61 17.21 -15.16
N PRO A 514 -6.59 16.93 -16.03
CA PRO A 514 -7.74 17.83 -16.17
C PRO A 514 -8.52 18.06 -14.89
N TYR A 515 -8.50 17.10 -13.97
CA TYR A 515 -9.29 17.17 -12.75
C TYR A 515 -8.57 17.85 -11.59
N SER A 516 -7.27 17.62 -11.46
CA SER A 516 -6.50 18.28 -10.41
C SER A 516 -5.64 19.41 -10.94
N CYS A 517 -5.46 19.52 -12.25
CA CYS A 517 -4.68 20.60 -12.87
C CYS A 517 -3.21 20.54 -12.48
N LYS A 518 -2.75 19.40 -12.02
CA LYS A 518 -1.34 19.25 -11.70
C LYS A 518 -0.83 17.91 -12.21
N GLU A 519 0.48 17.85 -12.37
CA GLU A 519 1.17 16.61 -12.65
C GLU A 519 1.36 15.81 -11.36
N ALA A 520 1.59 14.53 -11.53
CA ALA A 520 2.03 13.61 -10.49
C ALA A 520 3.51 13.36 -10.64
N PRO A 521 4.31 13.47 -9.59
CA PRO A 521 5.75 13.28 -9.74
C PRO A 521 6.13 11.82 -9.84
N CYS A 522 7.25 11.59 -10.51
CA CYS A 522 7.90 10.30 -10.45
C CYS A 522 8.41 10.07 -9.03
N ILE A 523 7.99 8.97 -8.40
CA ILE A 523 8.40 8.64 -7.03
C ILE A 523 9.49 7.58 -7.10
N LEU A 524 10.68 7.93 -6.62
CA LEU A 524 11.82 7.01 -6.60
C LEU A 524 12.18 6.72 -5.15
N ILE A 525 12.36 5.45 -4.85
CA ILE A 525 12.75 5.02 -3.50
C ILE A 525 14.25 4.69 -3.51
N TYR A 526 14.98 5.23 -2.54
CA TYR A 526 16.41 4.95 -2.44
C TYR A 526 16.63 3.47 -2.12
N ILE A 527 17.52 2.82 -2.87
CA ILE A 527 17.85 1.42 -2.68
C ILE A 527 19.17 1.38 -1.86
N PRO A 528 19.12 0.92 -0.63
CA PRO A 528 20.39 0.81 0.13
C PRO A 528 21.36 -0.05 -0.66
N ASP A 529 22.64 0.38 -0.65
CA ASP A 529 23.67 -0.24 -1.48
C ASP A 529 24.60 -1.18 -0.72
N GLY A 530 24.59 -1.16 0.61
CA GLY A 530 25.53 -1.96 1.39
C GLY A 530 26.46 -1.14 2.25
N HIS A 531 26.33 0.19 2.23
CA HIS A 531 27.06 1.09 3.12
C HIS A 531 26.09 1.95 3.92
N GLN B 16 -55.48 26.77 19.55
CA GLN B 16 -55.36 25.57 18.72
C GLN B 16 -53.91 25.26 18.35
N SER B 17 -53.01 26.22 18.58
CA SER B 17 -51.60 25.94 18.33
C SER B 17 -51.09 24.85 19.26
N MET B 18 -51.68 24.73 20.45
CA MET B 18 -51.38 23.60 21.32
C MET B 18 -52.02 22.31 20.82
N VAL B 19 -53.05 22.42 19.97
CA VAL B 19 -53.58 21.23 19.30
C VAL B 19 -52.65 20.77 18.19
N ASP B 20 -52.18 21.73 17.38
CA ASP B 20 -51.25 21.38 16.32
C ASP B 20 -49.90 20.97 16.87
N GLU B 21 -49.48 21.54 18.00
CA GLU B 21 -48.24 21.08 18.60
C GLU B 21 -48.35 19.64 19.09
N GLY B 22 -49.54 19.26 19.59
CA GLY B 22 -49.74 17.88 20.02
C GLY B 22 -49.80 16.88 18.88
N VAL B 23 -50.19 17.33 17.68
CA VAL B 23 -50.10 16.48 16.51
C VAL B 23 -48.65 16.39 16.04
N ALA B 24 -47.96 17.53 16.01
CA ALA B 24 -46.54 17.53 15.70
C ALA B 24 -45.77 16.62 16.65
N ARG B 25 -46.16 16.59 17.92
CA ARG B 25 -45.53 15.66 18.86
C ARG B 25 -45.86 14.21 18.52
N GLU B 26 -47.01 13.98 17.87
CA GLU B 26 -47.34 12.60 17.49
C GLU B 26 -46.52 12.13 16.30
N VAL B 27 -46.27 13.01 15.33
CA VAL B 27 -45.26 12.70 14.33
C VAL B 27 -43.90 12.49 14.97
N ILE B 28 -43.50 13.38 15.88
CA ILE B 28 -42.20 13.23 16.54
C ILE B 28 -42.11 11.87 17.22
N ASN B 29 -43.16 11.50 17.95
CA ASN B 29 -43.18 10.21 18.63
C ASN B 29 -43.11 9.06 17.63
N ARG B 30 -43.80 9.21 16.50
CA ARG B 30 -43.74 8.22 15.43
C ARG B 30 -42.30 8.03 14.94
N ILE B 31 -41.53 9.12 14.87
CA ILE B 31 -40.19 9.05 14.31
C ILE B 31 -39.26 8.28 15.24
N GLN B 32 -39.31 8.59 16.54
CA GLN B 32 -38.35 8.00 17.46
C GLN B 32 -38.68 6.57 17.80
N LYS B 33 -39.96 6.17 17.68
CA LYS B 33 -40.26 4.74 17.77
C LYS B 33 -39.58 3.98 16.66
N LEU B 34 -39.50 4.58 15.47
CA LEU B 34 -38.75 3.99 14.37
C LEU B 34 -37.25 3.95 14.67
N ARG B 35 -36.70 5.00 15.27
CA ARG B 35 -35.32 4.97 15.71
C ARG B 35 -35.06 3.80 16.66
N LYS B 36 -36.02 3.50 17.55
CA LYS B 36 -35.86 2.40 18.48
C LYS B 36 -36.00 1.03 17.81
N LYS B 37 -36.72 0.97 16.67
CA LYS B 37 -36.87 -0.29 15.97
C LYS B 37 -35.54 -0.80 15.41
N ARG B 38 -34.71 0.09 14.86
CA ARG B 38 -33.42 -0.28 14.29
C ARG B 38 -32.28 -0.21 15.29
N ASN B 39 -32.57 -0.35 16.58
CA ASN B 39 -31.57 -0.31 17.64
C ASN B 39 -30.65 0.91 17.52
N LEU B 40 -31.12 1.98 16.86
CA LEU B 40 -30.29 3.15 16.64
C LEU B 40 -30.32 4.05 17.87
N VAL B 41 -29.12 4.47 18.30
CA VAL B 41 -28.93 5.24 19.53
C VAL B 41 -28.26 6.56 19.12
N PRO B 42 -28.69 7.72 19.65
CA PRO B 42 -28.18 9.03 19.20
C PRO B 42 -26.72 9.32 19.56
N ASP B 44 -26.00 8.25 16.70
CA ASP B 44 -26.16 7.84 15.31
C ASP B 44 -26.64 8.98 14.44
N GLU B 45 -25.76 9.49 13.58
CA GLU B 45 -26.16 10.53 12.64
C GLU B 45 -27.11 9.94 11.61
N ILE B 46 -28.32 10.50 11.51
CA ILE B 46 -29.36 10.05 10.59
C ILE B 46 -30.07 11.26 10.02
N THR B 47 -30.90 11.01 9.00
CA THR B 47 -31.78 12.01 8.44
C THR B 47 -33.18 11.42 8.28
N VAL B 48 -34.19 12.28 8.40
CA VAL B 48 -35.59 11.84 8.35
C VAL B 48 -36.26 12.52 7.17
N TYR B 49 -36.71 11.72 6.21
CA TYR B 49 -37.47 12.21 5.07
C TYR B 49 -38.95 11.91 5.30
N TYR B 50 -39.81 12.78 4.78
CA TYR B 50 -41.23 12.62 5.06
C TYR B 50 -42.09 13.03 3.87
N ARG B 51 -43.25 12.40 3.83
CA ARG B 51 -44.28 12.66 2.84
C ARG B 51 -45.61 12.51 3.54
N SER B 52 -46.39 13.58 3.60
CA SER B 52 -47.77 13.51 4.06
C SER B 52 -48.66 13.54 2.81
N HIS B 53 -49.19 12.36 2.44
CA HIS B 53 -49.70 12.13 1.08
C HIS B 53 -50.79 13.12 0.67
N PRO B 54 -51.88 13.31 1.41
CA PRO B 54 -52.77 14.43 1.10
C PRO B 54 -51.98 15.71 1.29
N GLU B 55 -51.25 16.06 0.24
CA GLU B 55 -50.37 17.22 0.18
C GLU B 55 -51.04 18.44 0.80
N GLY B 56 -50.25 19.35 1.37
CA GLY B 56 -50.80 20.59 1.89
C GLY B 56 -51.97 20.48 2.86
N ASP B 57 -52.57 19.30 3.02
CA ASP B 57 -53.63 19.10 3.99
C ASP B 57 -53.08 19.26 5.41
N TYR B 58 -53.96 19.06 6.40
CA TYR B 58 -53.65 19.33 7.80
C TYR B 58 -52.27 18.81 8.20
N LEU B 59 -52.07 17.49 8.13
CA LEU B 59 -50.85 16.94 8.73
C LEU B 59 -49.60 17.45 8.02
N ASP B 60 -49.67 17.67 6.69
CA ASP B 60 -48.54 18.26 5.99
C ASP B 60 -48.30 19.71 6.45
N THR B 61 -49.37 20.48 6.68
CA THR B 61 -49.18 21.83 7.22
C THR B 61 -48.47 21.79 8.56
N VAL B 62 -48.95 20.94 9.47
CA VAL B 62 -48.40 20.87 10.83
C VAL B 62 -46.89 20.60 10.79
N ILE B 63 -46.49 19.59 10.02
CA ILE B 63 -45.11 19.15 10.04
C ILE B 63 -44.18 20.23 9.49
N LYS B 64 -44.66 21.04 8.53
CA LYS B 64 -43.79 22.05 7.95
C LYS B 64 -43.61 23.25 8.87
N GLU B 65 -44.71 23.75 9.46
CA GLU B 65 -44.59 24.86 10.39
C GLU B 65 -43.74 24.48 11.60
N HIS B 66 -43.92 23.26 12.11
CA HIS B 66 -43.24 22.79 13.31
C HIS B 66 -41.93 22.06 13.01
N THR B 67 -41.36 22.28 11.82
CA THR B 67 -40.14 21.55 11.45
C THR B 67 -38.98 21.91 12.36
N ASP B 68 -38.90 23.17 12.78
CA ASP B 68 -37.86 23.54 13.74
C ASP B 68 -38.06 22.81 15.07
N PHE B 69 -39.31 22.75 15.54
CA PHE B 69 -39.61 22.05 16.78
C PHE B 69 -39.28 20.56 16.68
N ILE B 70 -39.72 19.92 15.60
CA ILE B 70 -39.41 18.52 15.36
C ILE B 70 -37.90 18.30 15.34
N PHE B 71 -37.19 19.10 14.53
CA PHE B 71 -35.74 19.02 14.46
C PHE B 71 -35.10 19.17 15.84
N ALA B 72 -35.64 20.07 16.67
CA ALA B 72 -35.02 20.33 17.96
C ALA B 72 -35.08 19.12 18.89
N THR B 73 -36.16 18.32 18.82
CA THR B 73 -36.34 17.22 19.77
C THR B 73 -35.92 15.87 19.21
N ILE B 74 -36.00 15.69 17.91
CA ILE B 74 -35.38 14.57 17.21
C ILE B 74 -34.07 15.12 16.66
N LYS B 75 -32.93 14.82 17.29
CA LYS B 75 -31.71 15.51 16.86
C LYS B 75 -31.16 14.82 15.61
N ALA B 76 -31.90 15.05 14.52
CA ALA B 76 -31.53 14.73 13.16
C ALA B 76 -32.31 15.72 12.30
N ALA B 77 -31.97 15.80 11.02
CA ALA B 77 -32.65 16.80 10.21
C ALA B 77 -33.93 16.23 9.61
N LEU B 78 -34.75 17.14 9.09
CA LEU B 78 -36.10 16.83 8.66
C LEU B 78 -36.36 17.51 7.32
N LYS B 79 -36.13 16.75 6.22
CA LYS B 79 -36.35 17.16 4.84
C LYS B 79 -37.48 16.33 4.23
N PRO B 80 -38.20 16.85 3.23
CA PRO B 80 -39.24 16.05 2.59
C PRO B 80 -38.73 15.23 1.41
N TYR B 81 -39.66 14.60 0.70
CA TYR B 81 -39.28 13.63 -0.31
C TYR B 81 -38.76 14.35 -1.56
N PRO B 82 -38.06 13.61 -2.44
CA PRO B 82 -37.72 12.20 -2.27
C PRO B 82 -36.37 12.01 -1.59
N VAL B 83 -36.22 10.85 -0.97
CA VAL B 83 -34.95 10.38 -0.43
C VAL B 83 -33.93 10.39 -1.57
N PRO B 84 -32.66 10.70 -1.30
CA PRO B 84 -31.65 10.61 -2.37
C PRO B 84 -31.46 9.18 -2.81
N THR B 85 -31.22 9.01 -4.12
CA THR B 85 -31.01 7.68 -4.67
C THR B 85 -29.75 7.04 -4.09
N SER B 86 -28.87 7.85 -3.50
CA SER B 86 -27.59 7.40 -2.99
C SER B 86 -27.68 6.84 -1.59
N LYS B 87 -28.63 7.32 -0.77
CA LYS B 87 -28.66 6.96 0.64
C LYS B 87 -29.28 5.59 0.84
N GLU B 88 -28.82 4.91 1.87
CA GLU B 88 -29.33 3.59 2.22
C GLU B 88 -30.47 3.75 3.23
N VAL B 89 -31.63 3.19 2.92
CA VAL B 89 -32.81 3.39 3.75
C VAL B 89 -32.68 2.50 4.98
N LEU B 90 -32.75 3.12 6.16
CA LEU B 90 -32.71 2.36 7.39
C LEU B 90 -34.08 1.74 7.69
N ILE B 91 -35.14 2.53 7.54
CA ILE B 91 -36.52 2.05 7.68
C ILE B 91 -37.44 2.90 6.83
N GLN B 92 -38.62 2.36 6.56
CA GLN B 92 -39.63 3.07 5.79
C GLN B 92 -40.98 2.62 6.32
N GLU B 93 -41.66 3.51 7.04
CA GLU B 93 -42.98 3.23 7.58
C GLU B 93 -44.01 4.17 6.98
N THR B 94 -45.21 3.65 6.76
CA THR B 94 -46.36 4.46 6.38
C THR B 94 -47.48 4.17 7.37
N THR B 95 -47.90 5.21 8.08
CA THR B 95 -49.04 5.10 8.98
C THR B 95 -49.97 6.29 8.76
N GLN B 96 -50.99 6.39 9.60
CA GLN B 96 -52.05 7.38 9.44
C GLN B 96 -52.06 8.33 10.62
N LEU B 97 -52.55 9.53 10.37
CA LEU B 97 -52.54 10.58 11.37
C LEU B 97 -53.45 11.70 10.92
N LYS B 98 -54.61 11.85 11.56
CA LYS B 98 -55.48 13.01 11.35
C LYS B 98 -55.81 13.19 9.86
N GLY B 99 -56.35 12.14 9.25
CA GLY B 99 -56.75 12.22 7.86
C GLY B 99 -55.67 12.51 6.83
N SER B 100 -54.39 12.22 7.10
CA SER B 100 -53.38 12.12 6.05
C SER B 100 -52.68 10.77 6.16
N GLU B 101 -51.95 10.40 5.10
CA GLU B 101 -51.06 9.25 5.16
C GLU B 101 -49.64 9.76 5.26
N LEU B 102 -48.86 9.19 6.17
CA LEU B 102 -47.60 9.79 6.61
C LEU B 102 -46.49 8.78 6.44
N GLU B 103 -45.62 9.02 5.44
CA GLU B 103 -44.46 8.18 5.17
C GLU B 103 -43.22 8.74 5.87
N ILE B 104 -42.57 7.92 6.70
CA ILE B 104 -41.30 8.25 7.31
C ILE B 104 -40.24 7.29 6.78
N THR B 105 -39.13 7.85 6.29
CA THR B 105 -37.93 7.08 5.93
C THR B 105 -36.75 7.66 6.71
N LEU B 106 -36.04 6.78 7.43
CA LEU B 106 -34.80 7.15 8.10
C LEU B 106 -33.63 6.67 7.27
N VAL B 107 -32.62 7.53 7.10
CA VAL B 107 -31.45 7.24 6.27
C VAL B 107 -30.19 7.60 7.04
N ARG B 108 -29.12 6.86 6.75
CA ARG B 108 -27.86 7.02 7.47
C ARG B 108 -27.19 8.35 7.18
N GLY B 109 -26.42 8.82 8.16
CA GLY B 109 -25.64 10.03 8.03
C GLY B 109 -26.47 11.30 7.98
N GLY B 110 -25.82 12.42 8.28
CA GLY B 110 -26.48 13.70 8.16
C GLY B 110 -26.61 14.11 6.71
N LEU B 111 -26.62 15.40 6.45
CA LEU B 111 -26.89 15.89 5.12
C LEU B 111 -25.59 16.08 4.34
N CYS B 112 -25.68 16.79 3.22
CA CYS B 112 -24.55 17.03 2.33
C CYS B 112 -24.54 18.52 2.01
N GLU B 113 -23.83 19.29 2.82
CA GLU B 113 -23.76 20.73 2.60
C GLU B 113 -22.85 21.05 1.42
N ARG B 114 -23.42 21.70 0.40
CA ARG B 114 -22.67 22.14 -0.75
C ARG B 114 -21.87 23.40 -0.40
N VAL B 115 -20.63 23.44 -0.84
CA VAL B 115 -19.67 24.48 -0.48
C VAL B 115 -18.98 24.95 -1.77
N GLY B 116 -18.38 26.13 -1.69
CA GLY B 116 -17.56 26.61 -2.79
C GLY B 116 -16.27 25.85 -2.95
N PRO B 117 -15.61 26.02 -4.10
CA PRO B 117 -14.31 25.36 -4.31
C PRO B 117 -13.30 25.81 -3.26
N ALA B 118 -12.55 24.84 -2.72
CA ALA B 118 -11.61 25.15 -1.66
C ALA B 118 -10.35 25.84 -2.20
N CYS B 119 -9.90 25.43 -3.39
CA CYS B 119 -8.69 25.98 -3.97
C CYS B 119 -9.00 27.16 -4.86
N SER B 120 -8.06 28.08 -4.93
CA SER B 120 -8.16 29.18 -5.88
C SER B 120 -8.25 28.62 -7.30
N TYR B 121 -9.18 29.15 -8.08
CA TYR B 121 -9.36 28.68 -9.44
C TYR B 121 -9.33 29.89 -10.35
N VAL B 122 -9.78 29.70 -11.57
CA VAL B 122 -9.84 30.68 -12.63
C VAL B 122 -10.76 30.03 -13.65
N ASN B 123 -11.81 30.74 -14.08
CA ASN B 123 -12.56 30.25 -15.23
C ASN B 123 -11.80 30.58 -16.51
N LEU B 124 -11.91 29.71 -17.50
CA LEU B 124 -11.13 29.86 -18.72
C LEU B 124 -12.05 29.88 -19.91
N LYS B 125 -11.90 30.92 -20.73
CA LYS B 125 -12.44 30.96 -22.07
C LYS B 125 -11.26 30.92 -23.04
N VAL B 126 -11.22 29.87 -23.85
CA VAL B 126 -10.10 29.56 -24.72
C VAL B 126 -10.57 29.71 -26.16
N CYS B 127 -10.21 30.83 -26.80
CA CYS B 127 -10.57 31.11 -28.18
C CYS B 127 -9.28 31.08 -29.00
N VAL B 128 -9.08 29.97 -29.70
CA VAL B 128 -8.00 29.83 -30.66
C VAL B 128 -8.62 29.39 -31.96
N ASN B 129 -8.97 28.12 -32.02
CA ASN B 129 -9.52 27.55 -33.26
C ASN B 129 -10.69 26.76 -32.86
N THR B 131 -13.14 25.95 -31.28
CA THR B 131 -13.96 27.14 -31.15
C THR B 131 -13.67 27.78 -29.80
N GLU B 132 -14.66 28.45 -29.23
CA GLU B 132 -14.58 28.83 -27.84
C GLU B 132 -14.69 27.59 -26.98
N GLN B 133 -13.81 27.47 -25.99
CA GLN B 133 -13.89 26.39 -25.04
C GLN B 133 -13.92 26.99 -23.65
N ASP B 134 -14.75 26.42 -22.79
CA ASP B 134 -14.84 26.81 -21.40
C ASP B 134 -14.18 25.77 -20.52
N GLY B 135 -13.59 26.23 -19.44
CA GLY B 135 -13.06 25.32 -18.45
C GLY B 135 -12.60 26.08 -17.23
N VAL B 136 -12.02 25.32 -16.30
CA VAL B 136 -11.51 25.88 -15.06
C VAL B 136 -10.06 25.46 -14.95
N LEU B 137 -9.28 26.26 -14.26
CA LEU B 137 -7.96 25.83 -13.87
C LEU B 137 -7.79 26.11 -12.38
N LEU B 138 -7.63 25.05 -11.59
CA LEU B 138 -7.22 25.20 -10.20
C LEU B 138 -5.78 25.71 -10.16
N LEU B 139 -5.54 26.75 -9.36
CA LEU B 139 -4.22 27.36 -9.26
C LEU B 139 -3.36 26.74 -8.18
N GLU B 140 -3.90 25.80 -7.42
CA GLU B 140 -3.18 25.18 -6.32
C GLU B 140 -3.88 23.86 -6.03
N ASN B 141 -3.14 22.90 -5.47
CA ASN B 141 -3.69 21.60 -5.14
C ASN B 141 -2.65 20.72 -4.48
N PRO B 142 -2.86 20.30 -3.23
CA PRO B 142 -3.99 20.78 -2.43
C PRO B 142 -3.81 22.26 -2.07
N LYS B 143 -4.81 22.84 -1.40
CA LYS B 143 -4.77 24.24 -1.07
C LYS B 143 -3.47 24.56 -0.34
N GLY B 144 -2.75 25.57 -0.85
CA GLY B 144 -1.49 25.97 -0.28
C GLY B 144 -0.26 25.42 -0.96
N ASP B 145 -0.39 24.39 -1.82
CA ASP B 145 0.73 23.77 -2.50
C ASP B 145 0.62 23.96 -4.01
N ASN B 146 1.74 23.75 -4.68
CA ASN B 146 1.80 23.72 -6.14
C ASN B 146 1.09 24.91 -6.76
N THR B 147 1.30 26.09 -6.18
CA THR B 147 0.67 27.28 -6.71
C THR B 147 1.21 27.54 -8.11
N LEU B 148 0.36 28.07 -8.98
CA LEU B 148 0.66 28.12 -10.39
C LEU B 148 1.28 29.43 -10.83
N ASN B 149 2.26 29.33 -11.72
CA ASN B 149 2.85 30.39 -12.54
C ASN B 149 2.01 30.66 -13.76
N LEU B 150 2.17 31.86 -14.32
CA LEU B 150 1.65 32.12 -15.65
C LEU B 150 2.20 31.11 -16.63
N THR B 151 3.51 30.84 -16.58
CA THR B 151 4.05 29.80 -17.46
C THR B 151 3.43 28.44 -17.12
N GLY B 152 3.31 28.12 -15.83
CA GLY B 152 2.65 26.87 -15.48
C GLY B 152 1.23 26.81 -16.00
N LEU B 153 0.51 27.94 -15.92
CA LEU B 153 -0.86 27.99 -16.39
C LEU B 153 -0.94 27.73 -17.89
N VAL B 154 -0.03 28.32 -18.66
CA VAL B 154 -0.07 28.13 -20.10
C VAL B 154 0.15 26.67 -20.45
N ASP B 155 1.16 26.04 -19.82
CA ASP B 155 1.40 24.61 -20.03
C ASP B 155 0.17 23.79 -19.68
N ALA B 156 -0.41 24.05 -18.51
CA ALA B 156 -1.60 23.31 -18.11
C ALA B 156 -2.74 23.51 -19.09
N VAL B 157 -2.96 24.75 -19.54
CA VAL B 157 -3.97 24.99 -20.56
C VAL B 157 -3.64 24.21 -21.83
N SER B 158 -2.37 24.12 -22.19
CA SER B 158 -2.01 23.43 -23.42
C SER B 158 -2.33 21.93 -23.35
N CYS B 159 -1.96 21.28 -22.23
CA CYS B 159 -2.26 19.86 -22.09
C CYS B 159 -3.76 19.60 -22.09
N ILE B 160 -4.49 20.32 -21.23
CA ILE B 160 -5.89 19.98 -20.99
C ILE B 160 -6.73 20.23 -22.24
N PHE B 161 -6.53 21.42 -22.85
CA PHE B 161 -7.33 21.89 -23.97
C PHE B 161 -6.79 21.45 -25.32
N GLY B 162 -5.61 20.84 -25.36
CA GLY B 162 -5.10 20.29 -26.60
C GLY B 162 -4.48 21.30 -27.53
N LEU B 163 -3.80 22.31 -26.98
CA LEU B 163 -3.18 23.37 -27.75
C LEU B 163 -1.66 23.29 -27.68
N LYS B 164 -1.00 23.80 -28.70
CA LYS B 164 0.43 24.02 -28.64
C LYS B 164 0.70 25.40 -28.07
N ASN B 165 1.89 25.57 -27.47
CA ASN B 165 2.29 26.91 -27.04
C ASN B 165 2.48 27.80 -28.26
N SER B 166 1.35 28.09 -28.91
CA SER B 166 1.28 28.73 -30.21
C SER B 166 0.89 30.19 -29.96
N LYS B 167 1.90 31.01 -29.68
CA LYS B 167 1.65 32.43 -29.38
C LYS B 167 0.58 32.57 -28.30
N LEU B 168 0.52 31.60 -27.38
CA LEU B 168 -0.55 31.55 -26.39
C LEU B 168 -0.46 32.73 -25.44
N THR B 169 -1.51 33.56 -25.43
CA THR B 169 -1.55 34.76 -24.61
C THR B 169 -2.72 34.67 -23.64
N VAL B 170 -2.47 35.09 -22.41
CA VAL B 170 -3.46 35.05 -21.36
C VAL B 170 -3.87 36.47 -21.05
N PHE B 171 -5.18 36.72 -21.08
CA PHE B 171 -5.74 38.05 -20.84
C PHE B 171 -6.64 38.01 -19.61
N ASN B 172 -6.32 38.83 -18.63
CA ASN B 172 -7.25 39.16 -17.55
C ASN B 172 -8.10 40.33 -18.03
N GLY B 173 -9.33 40.04 -18.40
CA GLY B 173 -10.16 41.06 -19.05
C GLY B 173 -9.49 41.59 -20.31
N LYS B 174 -8.86 42.75 -20.19
CA LYS B 174 -8.22 43.39 -21.34
C LYS B 174 -6.72 43.61 -21.15
N THR B 175 -6.21 43.47 -19.93
CA THR B 175 -4.78 43.40 -19.70
C THR B 175 -4.22 42.06 -20.17
N GLU B 176 -2.94 42.06 -20.50
CA GLU B 176 -2.22 40.83 -20.77
C GLU B 176 -1.37 40.51 -19.55
N LEU B 177 -1.35 39.25 -19.16
CA LEU B 177 -0.65 38.90 -17.93
C LEU B 177 0.84 38.70 -18.19
N ILE B 178 1.61 38.81 -17.10
CA ILE B 178 3.05 38.90 -17.13
C ILE B 178 3.56 37.75 -16.28
N ASN B 179 4.77 37.28 -16.57
CA ASN B 179 5.41 36.27 -15.74
C ASN B 179 5.48 36.69 -14.28
N LYS B 180 5.03 37.90 -13.96
CA LYS B 180 5.02 38.41 -12.60
C LYS B 180 3.62 38.50 -11.99
N THR B 181 2.57 38.44 -12.79
CA THR B 181 1.22 38.55 -12.24
C THR B 181 1.01 37.48 -11.20
N ASP B 182 0.42 37.86 -10.07
CA ASP B 182 0.11 36.90 -9.01
C ASP B 182 -1.21 36.25 -9.36
N LEU B 183 -1.15 35.03 -9.87
CA LEU B 183 -2.36 34.39 -10.36
C LEU B 183 -3.36 34.19 -9.24
N LEU B 184 -2.87 33.90 -8.02
CA LEU B 184 -3.78 33.62 -6.91
C LEU B 184 -4.70 34.79 -6.65
N SER B 185 -4.20 36.01 -6.80
CA SER B 185 -5.03 37.19 -6.56
C SER B 185 -6.16 37.33 -7.58
N LEU B 186 -6.18 36.50 -8.62
CA LEU B 186 -7.27 36.54 -9.59
C LEU B 186 -8.20 35.35 -9.43
N SER B 187 -8.26 34.81 -8.22
CA SER B 187 -8.82 33.49 -7.99
C SER B 187 -10.27 33.38 -8.45
N GLY B 188 -11.05 34.42 -8.30
CA GLY B 188 -12.41 34.19 -8.74
C GLY B 188 -12.64 34.42 -10.22
N LYS B 189 -11.66 35.00 -10.88
CA LYS B 189 -11.93 35.66 -12.15
C LYS B 189 -11.94 34.67 -13.30
N THR B 190 -12.33 35.19 -14.46
CA THR B 190 -12.30 34.46 -15.73
C THR B 190 -11.15 35.02 -16.55
N LEU B 191 -10.33 34.14 -17.12
CA LEU B 191 -9.26 34.60 -17.98
C LEU B 191 -9.52 34.12 -19.40
N HIS B 192 -8.91 34.83 -20.34
CA HIS B 192 -9.06 34.53 -21.76
C HIS B 192 -7.73 34.03 -22.32
N VAL B 193 -7.74 32.86 -22.93
CA VAL B 193 -6.58 32.34 -23.66
C VAL B 193 -6.87 32.52 -25.13
N THR B 194 -6.04 33.35 -25.79
CA THR B 194 -6.15 33.62 -27.21
C THR B 194 -4.77 33.41 -27.85
N THR B 195 -4.69 33.73 -29.14
CA THR B 195 -3.47 33.62 -29.92
C THR B 195 -2.75 34.96 -30.04
N GLY B 196 -3.06 35.92 -29.19
CA GLY B 196 -2.38 37.20 -29.23
C GLY B 196 -3.30 38.30 -29.72
N SER B 197 -4.42 38.48 -29.04
CA SER B 197 -5.43 39.47 -29.43
C SER B 197 -6.48 39.54 -28.35
N ALA B 198 -6.42 40.58 -27.49
CA ALA B 198 -7.34 40.74 -26.37
C ALA B 198 -8.78 40.61 -26.84
N PRO B 199 -9.66 40.03 -26.04
CA PRO B 199 -11.03 39.82 -26.50
C PRO B 199 -11.89 41.04 -26.28
N ALA B 200 -13.17 40.90 -26.57
CA ALA B 200 -14.19 41.73 -25.98
C ALA B 200 -14.89 40.92 -24.89
N LEU B 201 -15.95 41.48 -24.32
CA LEU B 201 -16.88 40.72 -23.47
C LEU B 201 -16.21 40.16 -22.21
N SER B 204 -17.80 37.74 -17.90
CA SER B 204 -17.04 37.01 -16.88
C SER B 204 -17.96 36.36 -15.85
N PRO B 205 -18.25 35.07 -16.03
CA PRO B 205 -19.21 34.38 -15.16
C PRO B 205 -18.79 34.36 -13.70
N ASP B 206 -19.72 33.91 -12.87
CA ASP B 206 -19.52 33.79 -11.43
C ASP B 206 -19.27 32.35 -11.02
N ALA B 207 -20.25 31.47 -11.22
CA ALA B 207 -20.10 30.07 -10.89
C ALA B 207 -18.94 29.44 -11.69
N LEU B 208 -18.32 28.43 -11.09
CA LEU B 208 -17.40 27.58 -11.85
C LEU B 208 -18.09 27.03 -13.08
N LEU B 209 -17.40 27.08 -14.22
CA LEU B 209 -17.99 26.52 -15.41
C LEU B 209 -18.02 24.99 -15.39
N CYS B 210 -17.31 24.35 -14.46
CA CYS B 210 -17.22 22.90 -14.40
C CYS B 210 -17.71 22.38 -13.06
N GLN B 211 -18.36 21.22 -13.08
CA GLN B 211 -18.67 20.53 -11.84
C GLN B 211 -17.38 20.22 -11.09
N TYR B 212 -17.48 20.19 -9.77
CA TYR B 212 -16.30 20.04 -8.94
C TYR B 212 -16.71 19.40 -7.63
N ILE B 213 -15.70 18.91 -6.91
CA ILE B 213 -15.83 18.33 -5.59
C ILE B 213 -14.71 18.92 -4.75
N ASN B 214 -14.95 19.02 -3.45
CA ASN B 214 -13.88 19.33 -2.53
C ASN B 214 -13.44 18.05 -1.83
N LEU B 215 -12.18 18.03 -1.40
CA LEU B 215 -11.62 16.86 -0.75
C LEU B 215 -11.05 17.26 0.59
N GLN B 216 -11.47 16.57 1.64
CA GLN B 216 -10.91 16.78 2.97
C GLN B 216 -10.27 15.49 3.45
N LEU B 217 -8.95 15.51 3.56
CA LEU B 217 -8.22 14.41 4.15
C LEU B 217 -8.44 14.40 5.66
N VAL B 218 -8.87 13.27 6.22
CA VAL B 218 -9.20 13.18 7.64
C VAL B 218 -8.24 12.27 8.40
N ASN B 219 -7.91 11.11 7.82
CA ASN B 219 -7.18 10.09 8.57
C ASN B 219 -5.71 10.44 8.74
N ALA B 220 -5.08 11.01 7.72
CA ALA B 220 -3.63 10.98 7.59
C ALA B 220 -3.13 12.27 6.96
N LYS B 221 -1.77 12.40 6.86
CA LYS B 221 -1.22 13.61 6.27
C LYS B 221 -0.77 13.39 4.83
N PRO B 222 -0.85 14.42 3.99
CA PRO B 222 -0.39 14.26 2.59
C PRO B 222 1.10 13.96 2.52
N GLN B 223 1.48 13.20 1.49
CA GLN B 223 2.83 12.78 1.18
C GLN B 223 3.31 13.48 -0.10
N GLU B 224 4.39 12.96 -0.71
CA GLU B 224 5.04 13.57 -1.89
C GLU B 224 5.31 15.05 -1.65
N CYS B 225 5.82 15.34 -0.45
CA CYS B 225 6.06 16.69 0.04
C CYS B 225 4.87 17.64 -0.12
N GLN B 226 3.69 17.14 -0.48
CA GLN B 226 2.53 18.02 -0.42
C GLN B 226 2.25 18.37 1.03
N LYS B 227 1.25 19.22 1.25
CA LYS B 227 1.15 19.86 2.55
C LYS B 227 -0.29 20.10 2.99
N GLY B 228 -1.11 20.66 2.12
CA GLY B 228 -2.48 20.91 2.48
C GLY B 228 -3.27 19.64 2.65
N THR B 229 -4.35 19.76 3.41
CA THR B 229 -5.26 18.65 3.68
C THR B 229 -6.61 18.85 3.02
N VAL B 230 -6.78 19.92 2.25
CA VAL B 230 -8.00 20.16 1.49
C VAL B 230 -7.63 20.37 0.04
N GLY B 231 -8.42 19.78 -0.86
CA GLY B 231 -8.18 19.91 -2.27
C GLY B 231 -9.49 19.99 -3.04
N THR B 232 -9.37 20.11 -4.35
CA THR B 232 -10.52 20.23 -5.20
C THR B 232 -10.26 19.44 -6.47
N LEU B 233 -11.29 18.77 -6.98
CA LEU B 233 -11.20 18.10 -8.25
C LEU B 233 -12.30 18.63 -9.16
N LEU B 234 -11.94 19.11 -10.33
CA LEU B 234 -12.97 19.32 -11.33
C LEU B 234 -13.47 17.96 -11.77
N MET B 235 -14.73 17.89 -12.18
CA MET B 235 -15.33 16.64 -12.66
C MET B 235 -15.38 16.57 -14.18
N GLU B 236 -14.88 17.60 -14.86
CA GLU B 236 -14.90 17.74 -16.30
C GLU B 236 -13.96 18.88 -16.67
N ASN B 237 -13.27 18.75 -17.79
CA ASN B 237 -12.39 19.79 -18.30
C ASN B 237 -11.92 19.41 -19.69
N PRO B 238 -12.21 20.23 -20.71
CA PRO B 238 -13.06 21.42 -20.64
C PRO B 238 -14.51 21.04 -20.39
N VAL B 239 -15.40 22.02 -20.30
CA VAL B 239 -16.79 21.73 -19.98
C VAL B 239 -17.34 20.67 -20.93
N GLY B 240 -18.01 19.66 -20.36
CA GLY B 240 -18.59 18.59 -21.15
C GLY B 240 -17.62 17.55 -21.68
N GLN B 241 -16.32 17.74 -21.54
CA GLN B 241 -15.34 16.74 -21.90
C GLN B 241 -14.79 16.06 -20.66
N ASN B 242 -14.35 14.81 -20.83
CA ASN B 242 -13.53 14.12 -19.84
C ASN B 242 -14.26 13.92 -18.53
N GLY B 243 -15.50 13.42 -18.62
CA GLY B 243 -16.24 13.09 -17.42
C GLY B 243 -15.45 12.23 -16.44
N LEU B 244 -15.30 12.73 -15.22
CA LEU B 244 -14.68 11.94 -14.17
C LEU B 244 -15.50 10.69 -13.89
N THR B 245 -14.83 9.53 -13.85
CA THR B 245 -15.43 8.27 -13.44
C THR B 245 -15.18 8.02 -11.95
N TYR B 246 -15.83 6.98 -11.42
CA TYR B 246 -15.62 6.61 -10.02
C TYR B 246 -14.17 6.20 -9.78
N HIS B 247 -13.67 5.24 -10.57
CA HIS B 247 -12.28 4.80 -10.43
C HIS B 247 -11.31 5.96 -10.67
N GLY B 248 -11.63 6.88 -11.58
CA GLY B 248 -10.79 8.04 -11.75
C GLY B 248 -10.76 8.92 -10.52
N LEU B 249 -11.91 9.11 -9.89
CA LEU B 249 -11.96 9.88 -8.65
C LEU B 249 -11.04 9.30 -7.58
N LEU B 250 -11.00 7.97 -7.49
CA LEU B 250 -10.11 7.34 -6.53
C LEU B 250 -8.66 7.67 -6.85
N HIS B 251 -8.30 7.58 -8.13
CA HIS B 251 -6.92 7.80 -8.52
C HIS B 251 -6.55 9.26 -8.35
N GLU B 252 -7.44 10.15 -8.75
CA GLU B 252 -7.17 11.58 -8.68
C GLU B 252 -7.11 12.06 -7.25
N THR B 253 -8.00 11.57 -6.40
CA THR B 253 -7.90 11.85 -4.97
C THR B 253 -6.52 11.51 -4.45
N ALA B 254 -6.02 10.33 -4.84
CA ALA B 254 -4.70 9.89 -4.39
C ALA B 254 -3.61 10.81 -4.92
N LYS B 255 -3.72 11.21 -6.19
CA LYS B 255 -2.73 12.10 -6.79
C LYS B 255 -2.69 13.43 -6.05
N VAL B 256 -3.84 13.97 -5.69
CA VAL B 256 -3.87 15.29 -5.07
C VAL B 256 -3.03 15.29 -3.80
N PHE B 257 -3.21 14.28 -2.95
CA PHE B 257 -2.54 14.30 -1.65
C PHE B 257 -1.27 13.47 -1.62
N GLY B 258 -0.87 12.85 -2.74
CA GLY B 258 0.33 12.04 -2.73
C GLY B 258 0.17 10.72 -2.01
N LEU B 259 -1.02 10.12 -2.09
CA LEU B 259 -1.32 8.85 -1.45
C LEU B 259 -1.52 7.72 -2.45
N ARG B 260 -0.82 7.75 -3.61
CA ARG B 260 -1.07 6.76 -4.66
C ARG B 260 -0.76 5.35 -4.18
N SER B 261 0.19 5.18 -3.26
CA SER B 261 0.42 3.84 -2.74
C SER B 261 -0.68 3.36 -1.80
N ARG B 262 -1.44 4.27 -1.23
CA ARG B 262 -2.31 3.94 -0.12
C ARG B 262 -3.67 3.47 -0.61
N ARG B 263 -4.36 2.70 0.23
CA ARG B 263 -5.75 2.39 -0.01
C ARG B 263 -6.63 3.45 0.63
N LEU B 264 -7.59 3.97 -0.14
CA LEU B 264 -8.40 5.09 0.28
C LEU B 264 -9.85 4.65 0.39
N LYS B 265 -10.58 5.26 1.32
CA LYS B 265 -12.03 5.18 1.35
C LYS B 265 -12.60 6.59 1.30
N LEU B 266 -13.58 6.79 0.43
CA LEU B 266 -14.22 8.09 0.28
C LEU B 266 -15.57 8.06 0.96
N PHE B 267 -15.85 9.09 1.76
CA PHE B 267 -17.10 9.20 2.51
C PHE B 267 -17.76 10.54 2.22
N LEU B 268 -19.11 10.52 2.19
CA LEU B 268 -19.91 11.73 2.01
C LEU B 268 -20.08 12.53 3.30
N ASP B 269 -19.92 11.90 4.47
CA ASP B 269 -19.92 12.61 5.75
C ASP B 269 -18.56 12.49 6.42
N GLU B 270 -18.30 13.38 7.38
CA GLU B 270 -17.10 13.22 8.21
C GLU B 270 -17.30 12.18 9.31
N ALA B 271 -18.54 11.76 9.56
CA ALA B 271 -18.77 10.63 10.44
C ALA B 271 -18.21 9.34 9.84
N GLU B 272 -18.00 9.31 8.53
CA GLU B 272 -17.54 8.13 7.80
C GLU B 272 -18.59 7.01 7.84
N THR B 273 -19.82 7.33 7.44
CA THR B 273 -20.86 6.32 7.35
C THR B 273 -21.52 6.24 5.98
N GLN B 274 -21.49 7.30 5.18
CA GLN B 274 -21.99 7.23 3.80
C GLN B 274 -20.76 7.08 2.91
N GLU B 275 -20.40 5.84 2.64
CA GLU B 275 -19.21 5.55 1.87
C GLU B 275 -19.51 5.72 0.38
N ILE B 276 -18.67 6.48 -0.30
CA ILE B 276 -18.86 6.62 -1.74
C ILE B 276 -18.49 5.33 -2.43
N THR B 277 -19.38 4.84 -3.27
CA THR B 277 -19.36 3.48 -3.77
C THR B 277 -19.37 3.50 -5.30
N LYS B 278 -18.91 2.40 -5.90
CA LYS B 278 -18.75 2.36 -7.36
C LYS B 278 -20.06 2.57 -8.11
N ASP B 279 -21.21 2.47 -7.46
CA ASP B 279 -22.48 2.72 -8.13
C ASP B 279 -23.08 4.05 -7.70
N ILE B 280 -22.27 4.96 -7.14
CA ILE B 280 -22.72 6.33 -7.02
C ILE B 280 -22.90 6.94 -8.41
N SER B 281 -23.74 7.95 -8.48
CA SER B 281 -23.87 8.78 -9.67
C SER B 281 -22.97 9.99 -9.49
N MET B 282 -22.03 10.18 -10.42
CA MET B 282 -21.00 11.20 -10.23
C MET B 282 -21.60 12.61 -10.17
N LYS B 283 -22.69 12.85 -10.89
CA LYS B 283 -23.28 14.18 -10.85
C LYS B 283 -23.79 14.53 -9.45
N ASN B 284 -24.19 13.52 -8.67
CA ASN B 284 -24.64 13.76 -7.30
C ASN B 284 -23.59 14.50 -6.48
N LEU B 285 -22.31 14.20 -6.74
CA LEU B 285 -21.23 14.71 -5.88
C LEU B 285 -20.98 16.20 -6.05
N ASN B 286 -21.43 16.79 -7.16
CA ASN B 286 -21.09 18.17 -7.50
C ASN B 286 -21.30 19.14 -6.34
N MET B 287 -20.25 19.91 -6.04
CA MET B 287 -20.17 20.93 -5.00
C MET B 287 -20.17 20.34 -3.59
N LYS B 288 -20.16 19.01 -3.45
CA LYS B 288 -20.09 18.41 -2.13
C LYS B 288 -18.65 18.22 -1.71
N THR B 289 -18.42 18.24 -0.40
CA THR B 289 -17.12 17.95 0.17
C THR B 289 -17.00 16.44 0.38
N VAL B 290 -16.04 15.81 -0.30
CA VAL B 290 -15.80 14.39 -0.10
C VAL B 290 -14.71 14.23 0.97
N TYR B 291 -14.92 13.26 1.86
CA TYR B 291 -14.01 13.04 2.98
C TYR B 291 -13.16 11.82 2.70
N VAL B 292 -11.85 11.99 2.82
CA VAL B 292 -10.88 11.00 2.36
C VAL B 292 -10.20 10.38 3.56
N SER B 293 -10.22 9.06 3.62
CA SER B 293 -9.73 8.29 4.74
C SER B 293 -8.69 7.30 4.25
N VAL B 294 -7.54 7.32 4.87
CA VAL B 294 -6.47 6.39 4.53
C VAL B 294 -6.58 5.18 5.45
N ILE B 295 -6.64 3.98 4.86
CA ILE B 295 -6.66 2.76 5.66
C ILE B 295 -5.44 1.91 5.33
N PRO B 296 -4.96 1.08 6.26
CA PRO B 296 -3.77 0.27 5.97
C PRO B 296 -4.00 -0.65 4.79
N THR B 297 -2.93 -0.91 4.06
CA THR B 297 -3.04 -1.86 2.96
C THR B 297 -2.86 -3.24 3.59
N THR B 298 -3.99 -3.91 3.80
CA THR B 298 -3.99 -5.29 4.25
C THR B 298 -4.57 -6.15 3.14
N ALA B 299 -4.74 -7.43 3.42
CA ALA B 299 -5.50 -8.25 2.50
C ALA B 299 -6.63 -8.91 3.27
#